data_7EIS
#
_entry.id   7EIS
#
_cell.length_a   48.786
_cell.length_b   94.290
_cell.length_c   228.989
_cell.angle_alpha   90.000
_cell.angle_beta   90.000
_cell.angle_gamma   90.000
#
_symmetry.space_group_name_H-M   'P 21 21 21'
#
loop_
_entity.id
_entity.type
_entity.pdbx_description
1 polymer 'Chondroitin sulfate ABC endolyase'
2 branched '4-deoxy-alpha-L-threo-hex-4-enopyranuronic acid-(1-3)-2-acetamido-2-deoxy-beta-D-galactopyranose'
3 non-polymer 'MAGNESIUM ION'
4 water water
#
_entity_poly.entity_id   1
_entity_poly.type   'polypeptide(L)'
_entity_poly.pdbx_seq_one_letter_code
;MPIFRFTALAMTLGLLSAPYNAMAATSNPAFDPKNLMQSEIYHFAQNNPLADFSSDKNSILTLSDKRSIMGNQSLLWKWK
GGSSFTLHKKLIVPTDKEASKAWGRSSTPVFSFWLYNEKPIDGYLTIDFGEKLISTSEAQAGFKVKLDFTGWRAVGVSLN
NDLENREMTLNATNTSSDGTQDSIGRSLGAKVDSIRFKAPSNVSQGEIYIDRIMFSVDDARYQWSDYQVKTRLSEPEIQF
HNVKPQLPVTPENLAAIDLIRQRLINEFVGGEKETNLALEENISKLKSDFDALNIHTLANGGTQGRHLITDKQIIIYQPE
NLNSQDKQLFDNYVILGNYTTLMFNISRAYVLEKDPTQKAQLKQMYLLMTKHLLDQGFVKGSALVTTHHWGYSSRWWYIS
TLLMSDALKEANLQTQVYDSLLWYSREFKSSFDMKVSADSSDLDYFNTLSRQHLALLLLEPDDQKRINLVNTFSHYITGA
LTQVPPGGKDGLRPDGTAWRHEGNYPGYSFPAFKNASQLIYLLRDTPFSVGESGWNNLKKAMVSAWIYSNPEVGLPLAGR
HPFNSPSLKSVAQGYYWLAMSAKSSPDKTLASIYLAISDKTQNESTAIFGETITPASLPQGFYAFNGGAFGIHRWQDKMV
TLKAYNTNVWSSEIYNKDNRYGRYQSHGVAQIVSNGSQLSQGYQQEGWDWNRMQGATTIHLPLKDLDSPKPHTLMQRGER
GFSGTSSLEGQYGMMAFDLIYPANLERFDPNFTAKKSVLAADNHLIFIGSNINSSDKNKNVETTLFQHAITPTLNTLWIN
GQKIENMPYQTTLQQGDWLIDSNGNGYLITQAEKVNVSRQHQVSAENKNRQPTEGNFSSAWIDHSTRPKDASYEYMVFLD
ATPEKMGEMAQKFRENNGLYQVLRKDKDVHIILDKLSNVTGYAFYQPASIEDKWIKKVNKPAIVMTHRQKDTLIVSAVTP
DLNMTRQKAATPVTINVTINGKWQSADKNSEVKYQVSGDNTELTFTSYFGIPQEIKLSPLP
;
_entity_poly.pdbx_strand_id   A
#
loop_
_chem_comp.id
_chem_comp.type
_chem_comp.name
_chem_comp.formula
GCD L-saccharide, alpha linking '4-deoxy-alpha-L-threo-hex-4-enopyranuronic acid' 'C6 H8 O6'
MG non-polymer 'MAGNESIUM ION' 'Mg 2'
NGA D-saccharide, beta linking 2-acetamido-2-deoxy-beta-D-galactopyranose 'C8 H15 N O6'
#
# COMPACT_ATOMS: atom_id res chain seq x y z
N ALA A 25 -1.54 -22.87 -34.59
CA ALA A 25 -2.26 -24.12 -35.07
C ALA A 25 -1.28 -25.09 -35.75
N THR A 26 -1.05 -26.24 -35.10
CA THR A 26 -0.24 -27.40 -35.56
C THR A 26 -1.18 -28.60 -35.65
N SER A 27 -0.77 -29.67 -36.33
CA SER A 27 -1.59 -30.89 -36.49
C SER A 27 -1.60 -31.67 -35.17
N ASN A 28 -0.77 -31.31 -34.19
CA ASN A 28 -0.83 -31.86 -32.81
C ASN A 28 -2.17 -31.46 -32.19
N PRO A 29 -2.89 -32.36 -31.48
CA PRO A 29 -4.12 -31.97 -30.81
C PRO A 29 -3.96 -30.86 -29.74
N ALA A 30 -5.09 -30.21 -29.45
CA ALA A 30 -5.26 -29.25 -28.35
C ALA A 30 -5.01 -29.98 -27.04
N PHE A 31 -4.26 -29.35 -26.13
CA PHE A 31 -3.99 -29.81 -24.74
C PHE A 31 -3.21 -31.13 -24.78
N ASP A 32 -2.38 -31.29 -25.81
CA ASP A 32 -1.44 -32.43 -25.96
C ASP A 32 -0.80 -32.72 -24.61
N PRO A 33 -1.02 -33.91 -23.97
CA PRO A 33 -0.25 -34.31 -22.79
C PRO A 33 1.23 -33.96 -22.97
N LYS A 34 1.82 -34.36 -24.11
CA LYS A 34 3.19 -33.98 -24.59
C LYS A 34 3.46 -32.48 -24.33
N ASN A 35 2.55 -31.58 -24.70
CA ASN A 35 2.73 -30.12 -24.50
C ASN A 35 1.41 -29.49 -24.08
N LEU A 36 1.03 -29.70 -22.82
CA LEU A 36 -0.29 -29.35 -22.27
C LEU A 36 -0.49 -27.82 -22.31
N MET A 37 0.57 -27.04 -22.09
CA MET A 37 0.47 -25.57 -21.85
C MET A 37 0.51 -24.79 -23.17
N GLN A 38 0.69 -25.46 -24.30
CA GLN A 38 0.85 -24.81 -25.63
C GLN A 38 -0.54 -24.55 -26.25
N SER A 39 -0.98 -23.30 -26.22
CA SER A 39 -2.21 -22.85 -26.92
C SER A 39 -2.17 -23.28 -28.41
N GLU A 40 -3.29 -23.86 -28.83
CA GLU A 40 -3.70 -24.08 -30.24
C GLU A 40 -4.67 -22.93 -30.64
N ILE A 41 -4.28 -22.20 -31.69
CA ILE A 41 -4.80 -20.88 -32.10
C ILE A 41 -5.04 -20.93 -33.60
N TYR A 42 -6.32 -20.91 -34.02
CA TYR A 42 -6.77 -20.69 -35.42
C TYR A 42 -6.88 -19.17 -35.67
N HIS A 43 -5.90 -18.65 -36.41
CA HIS A 43 -5.63 -17.21 -36.71
C HIS A 43 -5.39 -16.99 -38.22
N PHE A 44 -5.22 -18.05 -39.01
CA PHE A 44 -5.26 -18.05 -40.49
C PHE A 44 -4.08 -17.32 -41.14
N ALA A 45 -2.95 -17.15 -40.45
CA ALA A 45 -1.68 -16.69 -41.06
C ALA A 45 -0.77 -17.89 -41.42
N GLN A 46 -1.33 -19.10 -41.59
CA GLN A 46 -0.60 -20.32 -42.02
C GLN A 46 -1.10 -20.72 -43.43
N ASN A 47 -0.58 -21.81 -43.98
CA ASN A 47 -0.93 -22.32 -45.33
C ASN A 47 -2.21 -23.14 -45.23
N ASN A 48 -2.72 -23.63 -46.36
CA ASN A 48 -4.13 -24.06 -46.54
C ASN A 48 -4.86 -23.82 -45.21
N PRO A 49 -5.19 -22.54 -44.94
CA PRO A 49 -5.64 -22.11 -43.62
C PRO A 49 -7.04 -22.63 -43.24
N LEU A 50 -7.79 -23.18 -44.20
CA LEU A 50 -9.18 -23.70 -43.95
C LEU A 50 -9.25 -25.22 -44.13
N ALA A 51 -8.09 -25.89 -44.16
CA ALA A 51 -7.95 -27.36 -44.22
C ALA A 51 -8.81 -28.04 -43.13
N ASP A 52 -8.76 -27.49 -41.91
CA ASP A 52 -9.38 -28.07 -40.69
C ASP A 52 -10.84 -27.63 -40.61
N PHE A 53 -11.31 -26.90 -41.62
CA PHE A 53 -12.69 -26.35 -41.66
C PHE A 53 -13.47 -27.03 -42.79
N SER A 54 -14.71 -27.41 -42.50
CA SER A 54 -15.74 -27.80 -43.51
C SER A 54 -17.03 -27.03 -43.19
N SER A 55 -17.72 -26.53 -44.21
CA SER A 55 -19.06 -25.90 -44.12
C SER A 55 -20.11 -26.91 -44.57
N ASP A 56 -21.40 -26.66 -44.32
CA ASP A 56 -22.52 -27.36 -45.00
C ASP A 56 -22.98 -26.53 -46.22
N LYS A 57 -23.92 -27.09 -46.99
CA LYS A 57 -24.51 -26.50 -48.22
C LYS A 57 -24.70 -24.99 -48.01
N ASN A 58 -25.34 -24.64 -46.90
CA ASN A 58 -26.01 -23.35 -46.62
C ASN A 58 -25.07 -22.37 -45.89
N SER A 59 -23.78 -22.68 -45.80
CA SER A 59 -22.76 -21.75 -45.28
C SER A 59 -21.63 -21.67 -46.30
N ILE A 60 -21.04 -20.48 -46.45
CA ILE A 60 -19.78 -20.25 -47.20
C ILE A 60 -18.76 -19.71 -46.20
N LEU A 61 -17.47 -20.03 -46.41
CA LEU A 61 -16.33 -19.64 -45.55
C LEU A 61 -15.27 -18.92 -46.40
N THR A 62 -15.02 -17.65 -46.13
CA THR A 62 -13.99 -16.85 -46.82
C THR A 62 -13.07 -16.26 -45.76
N LEU A 63 -11.87 -15.82 -46.15
CA LEU A 63 -11.09 -14.86 -45.32
C LEU A 63 -11.36 -13.45 -45.83
N SER A 64 -11.66 -12.49 -44.94
CA SER A 64 -11.60 -11.02 -45.22
C SER A 64 -10.28 -10.49 -44.66
N ASP A 65 -9.60 -9.63 -45.40
CA ASP A 65 -8.36 -8.96 -44.90
C ASP A 65 -8.71 -7.54 -44.45
N LYS A 66 -9.93 -7.32 -43.95
CA LYS A 66 -10.46 -5.95 -43.71
C LYS A 66 -10.58 -5.65 -42.22
N ARG A 67 -10.77 -6.67 -41.39
CA ARG A 67 -10.71 -6.57 -39.90
C ARG A 67 -10.07 -7.87 -39.42
N SER A 68 -9.42 -7.86 -38.24
CA SER A 68 -8.64 -9.01 -37.71
C SER A 68 -8.23 -8.76 -36.25
N ILE A 69 -8.04 -9.85 -35.48
CA ILE A 69 -7.50 -9.76 -34.09
C ILE A 69 -6.00 -10.06 -34.14
N MET A 70 -5.67 -11.22 -34.68
CA MET A 70 -4.31 -11.81 -34.75
C MET A 70 -4.05 -12.16 -36.22
N GLY A 71 -2.86 -11.82 -36.72
CA GLY A 71 -2.52 -11.90 -38.16
C GLY A 71 -3.11 -10.71 -38.86
N ASN A 72 -3.33 -10.75 -40.17
CA ASN A 72 -4.20 -9.70 -40.78
C ASN A 72 -5.21 -10.39 -41.71
N GLN A 73 -6.13 -11.17 -41.12
CA GLN A 73 -7.25 -11.86 -41.82
C GLN A 73 -8.19 -12.52 -40.80
N SER A 74 -9.46 -12.67 -41.17
CA SER A 74 -10.53 -13.24 -40.31
C SER A 74 -11.51 -14.06 -41.16
N LEU A 75 -12.22 -14.96 -40.49
CA LEU A 75 -13.12 -15.93 -41.12
C LEU A 75 -14.44 -15.22 -41.39
N LEU A 76 -14.72 -14.90 -42.66
CA LEU A 76 -16.03 -14.35 -43.09
C LEU A 76 -16.97 -15.52 -43.34
N TRP A 77 -17.93 -15.69 -42.44
CA TRP A 77 -18.89 -16.81 -42.43
C TRP A 77 -20.28 -16.29 -42.82
N LYS A 78 -20.71 -16.58 -44.06
CA LYS A 78 -22.04 -16.23 -44.62
C LYS A 78 -22.95 -17.47 -44.53
N TRP A 79 -24.17 -17.30 -44.01
CA TRP A 79 -25.01 -18.41 -43.48
C TRP A 79 -26.51 -18.17 -43.67
N LYS A 80 -27.25 -19.15 -44.19
CA LYS A 80 -28.72 -19.26 -43.91
C LYS A 80 -28.83 -19.60 -42.42
N GLY A 81 -29.97 -19.34 -41.79
CA GLY A 81 -30.25 -19.75 -40.40
C GLY A 81 -30.36 -21.27 -40.32
N GLY A 82 -30.02 -21.85 -39.17
CA GLY A 82 -29.94 -23.31 -38.99
C GLY A 82 -28.63 -23.86 -39.54
N SER A 83 -27.91 -23.12 -40.38
CA SER A 83 -26.67 -23.57 -41.04
C SER A 83 -25.56 -23.81 -39.99
N SER A 84 -24.47 -24.50 -40.37
CA SER A 84 -23.32 -24.86 -39.49
C SER A 84 -22.01 -25.07 -40.30
N PHE A 85 -20.88 -24.58 -39.78
CA PHE A 85 -19.51 -24.99 -40.19
C PHE A 85 -18.84 -25.70 -39.00
N THR A 86 -18.03 -26.72 -39.30
CA THR A 86 -17.30 -27.48 -38.27
C THR A 86 -15.80 -27.23 -38.41
N LEU A 87 -15.15 -27.14 -37.24
CA LEU A 87 -13.69 -27.06 -37.06
C LEU A 87 -13.22 -28.46 -36.65
N HIS A 88 -12.49 -29.16 -37.52
CA HIS A 88 -11.98 -30.54 -37.29
C HIS A 88 -10.65 -30.43 -36.56
N LYS A 89 -10.67 -30.65 -35.24
CA LYS A 89 -9.47 -30.56 -34.36
C LYS A 89 -9.65 -31.46 -33.13
N LYS A 90 -8.67 -32.34 -32.87
CA LYS A 90 -8.61 -33.31 -31.74
C LYS A 90 -8.40 -32.55 -30.43
N LEU A 91 -9.21 -32.80 -29.40
CA LEU A 91 -9.03 -32.15 -28.06
C LEU A 91 -8.89 -33.20 -26.96
N ILE A 92 -7.72 -33.22 -26.32
CA ILE A 92 -7.48 -34.11 -25.16
C ILE A 92 -7.73 -33.28 -23.92
N VAL A 93 -9.02 -33.07 -23.67
CA VAL A 93 -9.52 -32.06 -22.70
C VAL A 93 -9.15 -32.55 -21.31
N PRO A 94 -8.20 -31.88 -20.61
CA PRO A 94 -7.86 -32.23 -19.23
C PRO A 94 -8.98 -32.13 -18.18
N THR A 95 -8.64 -32.48 -16.94
CA THR A 95 -9.44 -32.19 -15.72
C THR A 95 -9.00 -30.83 -15.17
N ASP A 96 -9.77 -30.23 -14.26
CA ASP A 96 -9.31 -28.99 -13.55
C ASP A 96 -8.05 -29.34 -12.73
N LYS A 97 -7.89 -30.61 -12.30
CA LYS A 97 -6.66 -31.07 -11.59
C LYS A 97 -5.46 -31.03 -12.54
N GLU A 98 -5.51 -31.73 -13.67
CA GLU A 98 -4.39 -31.90 -14.63
C GLU A 98 -3.77 -30.54 -14.97
N ALA A 99 -4.63 -29.62 -15.35
CA ALA A 99 -4.28 -28.26 -15.79
C ALA A 99 -3.75 -27.43 -14.61
N SER A 100 -4.33 -27.54 -13.40
CA SER A 100 -3.83 -26.85 -12.18
C SER A 100 -2.39 -27.30 -11.89
N LYS A 101 -2.14 -28.61 -11.96
CA LYS A 101 -0.79 -29.23 -11.74
C LYS A 101 0.17 -28.72 -12.83
N ALA A 102 -0.27 -28.66 -14.10
CA ALA A 102 0.61 -28.31 -15.25
C ALA A 102 1.12 -26.88 -15.07
N TRP A 103 0.31 -26.01 -14.46
CA TRP A 103 0.57 -24.55 -14.38
C TRP A 103 1.05 -24.16 -12.97
N GLY A 104 0.30 -24.50 -11.92
CA GLY A 104 0.70 -24.27 -10.52
C GLY A 104 -0.30 -23.45 -9.74
N ARG A 105 -1.44 -23.11 -10.31
CA ARG A 105 -2.52 -22.42 -9.55
C ARG A 105 -3.87 -22.95 -10.06
N SER A 106 -4.94 -22.81 -9.26
CA SER A 106 -6.30 -23.28 -9.65
C SER A 106 -6.48 -22.98 -11.15
N SER A 107 -6.78 -23.97 -11.99
CA SER A 107 -6.80 -23.80 -13.48
C SER A 107 -8.02 -24.50 -14.08
N THR A 108 -8.26 -24.22 -15.37
CA THR A 108 -9.20 -24.94 -16.25
C THR A 108 -8.75 -24.79 -17.71
N PRO A 109 -9.12 -25.70 -18.62
CA PRO A 109 -8.96 -25.46 -20.05
C PRO A 109 -10.14 -24.62 -20.60
N VAL A 110 -9.79 -23.66 -21.48
CA VAL A 110 -10.73 -22.60 -21.97
C VAL A 110 -10.82 -22.62 -23.50
N PHE A 111 -12.05 -22.63 -24.01
CA PHE A 111 -12.38 -22.36 -25.42
C PHE A 111 -12.67 -20.86 -25.56
N SER A 112 -12.03 -20.22 -26.52
CA SER A 112 -12.06 -18.74 -26.64
C SER A 112 -11.85 -18.29 -28.09
N PHE A 113 -12.76 -17.44 -28.57
CA PHE A 113 -12.66 -16.81 -29.91
C PHE A 113 -13.24 -15.39 -29.84
N TRP A 114 -12.83 -14.60 -30.83
CA TRP A 114 -13.35 -13.25 -31.14
C TRP A 114 -14.31 -13.37 -32.34
N LEU A 115 -15.44 -12.64 -32.28
CA LEU A 115 -16.37 -12.43 -33.41
C LEU A 115 -16.78 -10.95 -33.50
N TYR A 116 -16.99 -10.48 -34.74
CA TYR A 116 -17.49 -9.13 -35.17
C TYR A 116 -18.85 -9.28 -35.86
N ASN A 117 -19.87 -8.55 -35.38
CA ASN A 117 -21.15 -8.27 -36.07
C ASN A 117 -21.12 -6.84 -36.64
N GLU A 118 -21.32 -6.69 -37.96
CA GLU A 118 -21.47 -5.35 -38.63
C GLU A 118 -22.87 -4.82 -38.32
N LYS A 119 -23.82 -5.73 -38.12
CA LYS A 119 -25.26 -5.48 -37.80
C LYS A 119 -25.70 -6.50 -36.76
N PRO A 120 -26.46 -6.07 -35.72
CA PRO A 120 -26.94 -6.99 -34.69
C PRO A 120 -27.77 -8.13 -35.28
N ILE A 121 -27.92 -9.22 -34.53
CA ILE A 121 -28.69 -10.42 -34.93
C ILE A 121 -29.54 -10.84 -33.72
N ASP A 122 -30.85 -10.99 -33.92
CA ASP A 122 -31.85 -11.35 -32.87
C ASP A 122 -31.94 -12.88 -32.76
N GLY A 123 -31.01 -13.46 -32.00
CA GLY A 123 -30.88 -14.91 -31.74
C GLY A 123 -29.48 -15.30 -31.33
N TYR A 124 -29.25 -16.61 -31.27
CA TYR A 124 -28.10 -17.25 -30.59
C TYR A 124 -27.32 -18.15 -31.56
N LEU A 125 -26.00 -17.91 -31.60
CA LEU A 125 -24.93 -18.84 -32.06
C LEU A 125 -24.82 -19.98 -31.05
N THR A 126 -24.95 -21.24 -31.51
CA THR A 126 -24.64 -22.47 -30.72
C THR A 126 -23.21 -22.95 -31.05
N ILE A 127 -22.38 -23.14 -30.04
CA ILE A 127 -21.09 -23.90 -30.15
C ILE A 127 -21.28 -25.24 -29.42
N ASP A 128 -21.21 -26.32 -30.22
CA ASP A 128 -21.33 -27.74 -29.80
C ASP A 128 -19.99 -28.42 -30.11
N PHE A 129 -19.60 -29.37 -29.24
CA PHE A 129 -18.36 -30.18 -29.31
C PHE A 129 -18.76 -31.66 -29.22
N GLY A 130 -18.18 -32.52 -30.06
CA GLY A 130 -18.39 -33.97 -29.99
C GLY A 130 -17.44 -34.73 -30.90
N GLU A 131 -17.80 -35.95 -31.32
CA GLU A 131 -16.89 -36.74 -32.20
C GLU A 131 -17.47 -36.90 -33.61
N LYS A 132 -16.65 -36.56 -34.62
CA LYS A 132 -16.90 -36.78 -36.07
C LYS A 132 -18.27 -36.18 -36.41
N LEU A 133 -18.49 -34.93 -35.97
CA LEU A 133 -19.81 -34.23 -36.08
C LEU A 133 -20.03 -33.82 -37.53
N ILE A 134 -21.30 -33.81 -37.94
CA ILE A 134 -21.80 -33.14 -39.18
C ILE A 134 -23.01 -32.28 -38.78
N SER A 135 -23.53 -31.56 -39.77
CA SER A 135 -24.79 -30.78 -39.75
C SER A 135 -25.74 -31.27 -38.64
N THR A 136 -26.06 -32.57 -38.65
CA THR A 136 -27.31 -33.15 -38.10
C THR A 136 -27.14 -33.70 -36.67
N SER A 137 -25.92 -34.11 -36.23
CA SER A 137 -25.69 -34.93 -35.00
C SER A 137 -26.09 -34.17 -33.74
N GLN A 140 -23.09 -33.95 -27.87
CA GLN A 140 -22.57 -34.14 -26.47
C GLN A 140 -22.91 -32.88 -25.65
N ALA A 141 -22.01 -31.90 -25.57
CA ALA A 141 -22.23 -30.65 -24.80
C ALA A 141 -21.74 -29.43 -25.59
N GLY A 142 -22.30 -28.27 -25.25
CA GLY A 142 -22.10 -26.97 -25.93
C GLY A 142 -22.66 -25.81 -25.12
N PHE A 143 -22.59 -24.60 -25.69
CA PHE A 143 -23.01 -23.31 -25.06
C PHE A 143 -23.51 -22.31 -26.12
N LYS A 144 -24.00 -21.15 -25.68
CA LYS A 144 -24.75 -20.19 -26.53
C LYS A 144 -24.09 -18.81 -26.45
N VAL A 145 -24.02 -18.09 -27.58
CA VAL A 145 -23.62 -16.65 -27.68
C VAL A 145 -24.75 -15.83 -28.31
N LYS A 146 -25.45 -15.00 -27.53
CA LYS A 146 -26.37 -13.94 -28.01
C LYS A 146 -25.66 -13.02 -29.01
N LEU A 147 -26.18 -12.91 -30.24
CA LEU A 147 -25.52 -12.15 -31.36
C LEU A 147 -26.09 -10.72 -31.53
N ASP A 148 -26.76 -10.20 -30.50
CA ASP A 148 -27.45 -8.88 -30.49
C ASP A 148 -26.47 -7.77 -30.09
N PHE A 149 -25.53 -7.44 -30.97
CA PHE A 149 -24.47 -6.45 -30.69
C PHE A 149 -23.72 -6.16 -31.99
N THR A 150 -22.92 -5.10 -32.00
CA THR A 150 -22.01 -4.75 -33.11
C THR A 150 -20.62 -4.47 -32.54
N GLY A 151 -19.60 -4.50 -33.39
CA GLY A 151 -18.19 -4.49 -32.97
C GLY A 151 -17.74 -5.90 -32.62
N TRP A 152 -16.48 -6.04 -32.24
CA TRP A 152 -15.88 -7.27 -31.67
C TRP A 152 -16.50 -7.59 -30.31
N ARG A 153 -16.82 -8.86 -30.08
CA ARG A 153 -16.94 -9.41 -28.70
C ARG A 153 -15.97 -10.57 -28.53
N ALA A 154 -15.55 -10.86 -27.29
CA ALA A 154 -14.70 -12.01 -26.92
C ALA A 154 -15.56 -12.95 -26.11
N VAL A 155 -15.50 -14.23 -26.46
CA VAL A 155 -16.19 -15.39 -25.82
C VAL A 155 -15.09 -16.24 -25.15
N GLY A 156 -15.37 -16.75 -23.93
CA GLY A 156 -14.40 -17.48 -23.09
C GLY A 156 -15.06 -18.41 -22.09
N VAL A 157 -15.04 -19.72 -22.37
CA VAL A 157 -15.73 -20.78 -21.56
C VAL A 157 -14.71 -21.76 -20.97
N SER A 158 -14.89 -22.18 -19.71
CA SER A 158 -14.28 -23.43 -19.19
C SER A 158 -14.98 -24.61 -19.86
N LEU A 159 -14.19 -25.51 -20.45
CA LEU A 159 -14.70 -26.71 -21.15
C LEU A 159 -15.15 -27.80 -20.14
N ASN A 160 -14.89 -27.62 -18.84
CA ASN A 160 -15.28 -28.60 -17.78
C ASN A 160 -16.49 -28.07 -16.99
N ASN A 161 -16.75 -26.75 -17.00
CA ASN A 161 -17.72 -26.11 -16.08
C ASN A 161 -18.76 -25.18 -16.76
N ASP A 162 -18.68 -24.89 -18.05
CA ASP A 162 -19.60 -23.87 -18.64
C ASP A 162 -20.38 -24.47 -19.83
N LEU A 163 -20.37 -25.78 -20.12
CA LEU A 163 -21.20 -26.33 -21.25
C LEU A 163 -22.57 -26.80 -20.70
N GLU A 164 -23.35 -27.60 -21.44
CA GLU A 164 -24.68 -28.08 -20.98
C GLU A 164 -24.84 -29.59 -21.27
N LEU A 188 -18.00 -33.47 -20.30
CA LEU A 188 -17.27 -33.68 -21.59
C LEU A 188 -16.61 -35.06 -21.59
N GLY A 189 -16.52 -35.69 -22.76
CA GLY A 189 -15.65 -36.86 -23.00
C GLY A 189 -14.18 -36.47 -23.08
N ALA A 190 -13.34 -37.38 -23.58
CA ALA A 190 -11.91 -37.17 -23.87
C ALA A 190 -11.66 -37.16 -25.38
N LYS A 191 -12.46 -37.90 -26.16
CA LYS A 191 -12.20 -38.30 -27.57
C LYS A 191 -12.85 -37.30 -28.55
N VAL A 192 -12.82 -36.00 -28.23
CA VAL A 192 -13.50 -34.90 -29.00
C VAL A 192 -12.61 -34.44 -30.16
N ASP A 193 -13.17 -34.29 -31.36
CA ASP A 193 -12.45 -33.84 -32.59
C ASP A 193 -13.29 -32.84 -33.41
N SER A 194 -14.49 -32.49 -32.92
CA SER A 194 -15.46 -31.61 -33.62
C SER A 194 -15.89 -30.46 -32.69
N ILE A 195 -15.71 -29.23 -33.19
CA ILE A 195 -16.27 -27.95 -32.66
C ILE A 195 -17.09 -27.34 -33.80
N ARG A 196 -18.41 -27.39 -33.67
CA ARG A 196 -19.44 -27.00 -34.69
C ARG A 196 -20.16 -25.72 -34.25
N PHE A 197 -19.97 -24.63 -34.99
CA PHE A 197 -20.64 -23.32 -34.82
C PHE A 197 -21.93 -23.29 -35.64
N LYS A 198 -23.09 -23.11 -35.01
CA LYS A 198 -24.44 -23.18 -35.64
C LYS A 198 -25.16 -21.84 -35.48
N ALA A 199 -25.45 -21.18 -36.61
CA ALA A 199 -26.28 -19.95 -36.73
C ALA A 199 -27.73 -20.21 -36.28
N PRO A 200 -28.44 -19.20 -35.72
CA PRO A 200 -29.75 -19.44 -35.12
C PRO A 200 -30.77 -19.88 -36.18
N SER A 201 -31.64 -20.83 -35.81
CA SER A 201 -32.79 -21.33 -36.60
C SER A 201 -33.70 -20.15 -36.96
N ASN A 202 -33.97 -19.27 -35.99
CA ASN A 202 -35.02 -18.21 -35.96
C ASN A 202 -34.64 -16.98 -36.83
N VAL A 203 -33.36 -16.76 -37.21
CA VAL A 203 -32.95 -15.69 -38.20
C VAL A 203 -32.86 -16.34 -39.58
N SER A 204 -33.19 -15.63 -40.66
CA SER A 204 -33.36 -16.25 -41.99
C SER A 204 -32.00 -16.32 -42.70
N GLN A 205 -31.20 -15.25 -42.58
CA GLN A 205 -29.78 -15.24 -43.02
C GLN A 205 -29.00 -14.12 -42.29
N GLY A 206 -27.72 -13.98 -42.64
CA GLY A 206 -26.78 -13.11 -41.91
C GLY A 206 -25.34 -13.53 -42.12
N GLU A 207 -24.43 -12.84 -41.44
CA GLU A 207 -23.00 -12.69 -41.80
C GLU A 207 -22.17 -12.40 -40.52
N ILE A 208 -21.18 -13.23 -40.20
CA ILE A 208 -20.31 -13.00 -39.00
C ILE A 208 -18.83 -13.21 -39.31
N TYR A 209 -18.03 -12.21 -38.97
CA TYR A 209 -16.55 -12.31 -38.96
C TYR A 209 -16.17 -13.02 -37.65
N ILE A 210 -15.22 -13.97 -37.69
CA ILE A 210 -14.67 -14.74 -36.53
C ILE A 210 -13.15 -14.75 -36.65
N ASP A 211 -12.41 -14.60 -35.55
CA ASP A 211 -10.93 -14.81 -35.54
C ASP A 211 -10.49 -15.50 -34.23
N ARG A 212 -9.26 -16.03 -34.22
CA ARG A 212 -8.48 -16.41 -33.01
C ARG A 212 -9.25 -17.43 -32.15
N ILE A 213 -9.69 -18.53 -32.77
CA ILE A 213 -10.34 -19.65 -32.05
C ILE A 213 -9.22 -20.41 -31.32
N MET A 214 -9.29 -20.46 -29.99
CA MET A 214 -8.13 -20.80 -29.14
C MET A 214 -8.55 -21.74 -28.00
N PHE A 215 -7.91 -22.91 -27.96
CA PHE A 215 -7.88 -23.87 -26.82
C PHE A 215 -6.60 -23.62 -26.01
N SER A 216 -6.74 -23.41 -24.70
CA SER A 216 -5.62 -22.93 -23.85
C SER A 216 -5.92 -23.19 -22.38
N VAL A 217 -4.89 -23.22 -21.56
CA VAL A 217 -5.05 -23.35 -20.09
C VAL A 217 -5.11 -21.94 -19.49
N ASP A 218 -6.11 -21.66 -18.66
CA ASP A 218 -6.38 -20.30 -18.16
C ASP A 218 -6.60 -20.36 -16.64
N ASP A 219 -6.40 -19.24 -15.97
CA ASP A 219 -6.74 -19.01 -14.55
C ASP A 219 -8.25 -19.16 -14.35
N ALA A 220 -8.70 -20.07 -13.51
CA ALA A 220 -10.13 -20.46 -13.33
C ALA A 220 -10.95 -19.41 -12.57
N ARG A 221 -10.38 -18.26 -12.22
CA ARG A 221 -11.17 -17.18 -11.57
C ARG A 221 -11.77 -16.29 -12.65
N TYR A 222 -11.24 -16.36 -13.88
CA TYR A 222 -11.21 -15.25 -14.87
C TYR A 222 -11.77 -15.66 -16.24
N GLN A 223 -12.89 -16.39 -16.27
CA GLN A 223 -13.84 -16.33 -17.41
C GLN A 223 -15.19 -15.82 -16.91
N TRP A 224 -15.52 -14.57 -17.27
CA TRP A 224 -16.59 -13.75 -16.66
C TRP A 224 -17.83 -13.74 -17.57
N SER A 225 -19.02 -13.80 -16.96
CA SER A 225 -20.35 -13.64 -17.62
C SER A 225 -20.47 -12.22 -18.14
N ASP A 226 -21.11 -12.08 -19.30
CA ASP A 226 -21.44 -10.77 -19.92
C ASP A 226 -22.79 -10.92 -20.64
N TYR A 227 -23.13 -9.95 -21.52
CA TYR A 227 -24.45 -9.84 -22.18
C TYR A 227 -24.52 -10.80 -23.36
N GLN A 228 -23.42 -11.52 -23.65
CA GLN A 228 -23.26 -12.51 -24.77
C GLN A 228 -23.28 -13.95 -24.25
N VAL A 229 -22.41 -14.27 -23.27
CA VAL A 229 -22.17 -15.66 -22.75
C VAL A 229 -22.44 -15.71 -21.25
N LYS A 230 -23.02 -16.82 -20.80
CA LYS A 230 -23.16 -17.19 -19.37
C LYS A 230 -21.98 -18.09 -18.98
N THR A 231 -21.33 -17.78 -17.85
CA THR A 231 -20.30 -18.63 -17.17
C THR A 231 -20.71 -18.81 -15.71
N ARG A 232 -20.06 -19.74 -15.01
CA ARG A 232 -20.23 -19.94 -13.54
C ARG A 232 -19.94 -18.58 -12.85
N LEU A 233 -19.18 -17.71 -13.52
CA LEU A 233 -18.65 -16.45 -12.95
C LEU A 233 -19.33 -15.22 -13.57
N SER A 234 -19.80 -14.36 -12.68
CA SER A 234 -20.40 -13.02 -12.91
C SER A 234 -19.68 -12.00 -12.02
N GLU A 235 -19.33 -10.81 -12.53
CA GLU A 235 -18.90 -9.68 -11.66
C GLU A 235 -20.06 -8.70 -11.70
N PRO A 236 -20.89 -8.59 -10.63
CA PRO A 236 -22.12 -7.81 -10.71
C PRO A 236 -21.84 -6.30 -10.92
N GLU A 237 -22.68 -5.68 -11.76
CA GLU A 237 -22.69 -4.24 -12.16
C GLU A 237 -22.91 -3.33 -10.96
N ILE A 238 -22.36 -2.11 -11.02
CA ILE A 238 -22.41 -1.11 -9.92
C ILE A 238 -23.87 -0.70 -9.73
N GLN A 239 -24.32 -0.56 -8.49
CA GLN A 239 -25.62 0.03 -8.11
C GLN A 239 -25.32 1.17 -7.15
N PHE A 240 -25.31 2.41 -7.65
CA PHE A 240 -24.96 3.62 -6.89
C PHE A 240 -25.97 3.79 -5.75
N HIS A 241 -25.48 3.76 -4.51
CA HIS A 241 -26.13 4.39 -3.34
C HIS A 241 -26.44 5.83 -3.77
N ASN A 242 -27.32 6.48 -3.04
CA ASN A 242 -27.61 7.91 -3.20
C ASN A 242 -28.12 8.44 -1.87
N VAL A 243 -27.57 9.54 -1.39
CA VAL A 243 -27.86 10.11 -0.05
C VAL A 243 -29.03 11.11 -0.20
N LYS A 244 -29.82 11.19 0.87
CA LYS A 244 -30.88 12.21 1.11
C LYS A 244 -30.41 13.16 2.21
N PRO A 245 -30.84 14.46 2.17
CA PRO A 245 -31.60 15.01 1.04
C PRO A 245 -30.77 15.28 -0.23
N GLN A 246 -31.37 15.21 -1.43
CA GLN A 246 -30.64 15.38 -2.71
C GLN A 246 -30.34 16.88 -2.91
N LEU A 247 -29.23 17.21 -3.59
CA LEU A 247 -28.99 18.59 -4.07
C LEU A 247 -29.74 18.75 -5.37
N PRO A 248 -30.36 19.95 -5.58
CA PRO A 248 -31.05 20.26 -6.83
C PRO A 248 -30.15 20.79 -7.97
N VAL A 249 -30.52 20.54 -9.22
CA VAL A 249 -29.90 21.27 -10.36
C VAL A 249 -30.28 22.74 -10.18
N THR A 250 -29.30 23.59 -9.88
CA THR A 250 -29.35 25.05 -9.84
C THR A 250 -28.18 25.47 -10.71
N PRO A 251 -28.09 26.75 -11.14
CA PRO A 251 -26.85 27.27 -11.71
C PRO A 251 -25.68 27.24 -10.73
N GLU A 252 -25.89 27.51 -9.42
CA GLU A 252 -24.84 27.44 -8.35
C GLU A 252 -24.23 26.03 -8.33
N ASN A 253 -25.06 25.01 -8.00
CA ASN A 253 -24.66 23.58 -7.86
C ASN A 253 -24.07 23.08 -9.19
N LEU A 254 -24.56 23.53 -10.35
CA LEU A 254 -23.97 23.08 -11.65
C LEU A 254 -22.57 23.70 -11.87
N ALA A 255 -22.35 24.94 -11.40
CA ALA A 255 -21.08 25.69 -11.52
C ALA A 255 -19.99 25.02 -10.69
N ALA A 256 -20.33 24.60 -9.47
CA ALA A 256 -19.46 23.80 -8.58
C ALA A 256 -19.04 22.53 -9.33
N ILE A 257 -19.96 21.67 -9.77
CA ILE A 257 -19.62 20.51 -10.65
C ILE A 257 -18.65 20.93 -11.76
N ASP A 258 -18.92 21.95 -12.55
CA ASP A 258 -18.11 22.19 -13.77
C ASP A 258 -16.75 22.70 -13.31
N LEU A 259 -16.65 23.24 -12.07
CA LEU A 259 -15.41 23.82 -11.46
C LEU A 259 -14.52 22.70 -10.91
N ILE A 260 -15.17 21.76 -10.25
CA ILE A 260 -14.56 20.52 -9.74
C ILE A 260 -13.91 19.84 -10.94
N ARG A 261 -14.62 19.67 -12.04
CA ARG A 261 -14.04 19.08 -13.27
C ARG A 261 -12.80 19.90 -13.63
N GLN A 262 -12.90 21.23 -13.64
CA GLN A 262 -11.76 22.09 -14.07
C GLN A 262 -10.57 21.92 -13.09
N ARG A 263 -10.79 22.07 -11.78
CA ARG A 263 -9.74 21.97 -10.74
C ARG A 263 -8.97 20.65 -10.95
N LEU A 264 -9.72 19.56 -11.24
CA LEU A 264 -9.22 18.20 -11.64
C LEU A 264 -8.32 18.30 -12.87
N ILE A 265 -8.80 18.85 -13.98
CA ILE A 265 -8.00 19.05 -15.23
C ILE A 265 -6.73 19.84 -14.94
N ASN A 266 -6.81 20.88 -14.12
CA ASN A 266 -5.63 21.68 -13.69
C ASN A 266 -4.54 20.74 -13.15
N GLU A 267 -4.93 19.81 -12.28
CA GLU A 267 -3.96 18.93 -11.57
C GLU A 267 -3.24 17.99 -12.53
N PHE A 268 -3.80 17.65 -13.70
CA PHE A 268 -3.20 16.68 -14.63
C PHE A 268 -2.61 17.33 -15.86
N VAL A 269 -2.63 18.66 -15.90
CA VAL A 269 -2.05 19.45 -17.03
C VAL A 269 -0.99 20.43 -16.53
N GLY A 270 -0.78 20.59 -15.22
CA GLY A 270 0.40 21.28 -14.65
C GLY A 270 0.66 20.87 -13.23
N LYS A 273 3.84 16.50 -11.44
CA LYS A 273 4.32 15.17 -11.89
C LYS A 273 3.70 14.11 -10.95
N GLU A 274 3.06 13.10 -11.55
CA GLU A 274 2.24 12.02 -10.92
C GLU A 274 3.01 10.71 -10.95
N THR A 275 2.99 9.95 -9.86
CA THR A 275 3.63 8.62 -9.84
C THR A 275 2.76 7.67 -10.68
N ASN A 276 3.39 6.70 -11.36
CA ASN A 276 2.69 5.63 -12.14
C ASN A 276 2.09 6.20 -13.43
N LEU A 277 2.52 7.37 -13.90
CA LEU A 277 2.04 7.99 -15.16
C LEU A 277 3.21 8.26 -16.10
N ALA A 278 3.30 7.52 -17.20
CA ALA A 278 4.43 7.64 -18.15
C ALA A 278 4.15 8.85 -19.05
N LEU A 279 4.30 10.04 -18.44
CA LEU A 279 4.07 11.41 -19.02
C LEU A 279 4.93 11.59 -20.27
N GLU A 280 4.32 12.06 -21.37
CA GLU A 280 4.97 12.48 -22.63
C GLU A 280 4.36 13.81 -23.06
N GLU A 281 5.17 14.87 -23.01
CA GLU A 281 4.77 16.24 -23.44
C GLU A 281 5.19 16.46 -24.90
N ASN A 282 6.11 15.68 -25.43
CA ASN A 282 6.61 15.89 -26.81
C ASN A 282 5.59 15.38 -27.85
N ILE A 283 4.92 16.32 -28.50
CA ILE A 283 3.88 16.07 -29.54
C ILE A 283 4.45 15.20 -30.67
N SER A 284 5.73 15.36 -31.04
CA SER A 284 6.31 14.71 -32.24
C SER A 284 6.40 13.20 -31.96
N LYS A 285 6.51 12.87 -30.67
CA LYS A 285 6.53 11.49 -30.09
C LYS A 285 5.09 10.94 -30.01
N LEU A 286 4.11 11.73 -29.54
CA LEU A 286 2.72 11.25 -29.43
C LEU A 286 2.25 10.85 -30.82
N LYS A 287 2.60 11.67 -31.82
CA LYS A 287 2.16 11.55 -33.23
C LYS A 287 2.69 10.23 -33.77
N SER A 288 3.99 10.06 -33.61
CA SER A 288 4.78 8.90 -34.07
C SER A 288 4.22 7.63 -33.40
N ASP A 289 3.93 7.68 -32.08
CA ASP A 289 3.36 6.53 -31.30
C ASP A 289 2.01 6.16 -31.91
N PHE A 290 1.12 7.15 -32.06
CA PHE A 290 -0.24 6.99 -32.63
C PHE A 290 -0.15 6.36 -34.02
N ASP A 291 0.84 6.75 -34.82
CA ASP A 291 0.93 6.28 -36.22
C ASP A 291 1.17 4.78 -36.20
N ALA A 292 2.05 4.33 -35.31
CA ALA A 292 2.44 2.92 -35.18
C ALA A 292 1.23 2.01 -34.89
N LEU A 293 0.08 2.56 -34.48
CA LEU A 293 -1.17 1.79 -34.14
C LEU A 293 -1.89 1.31 -35.39
N ASN A 294 -1.63 1.92 -36.56
CA ASN A 294 -2.33 1.72 -37.87
C ASN A 294 -3.85 1.60 -37.71
N ILE A 295 -4.47 2.56 -37.01
CA ILE A 295 -5.96 2.68 -36.96
C ILE A 295 -6.47 3.41 -38.23
N HIS A 296 -7.16 2.69 -39.11
CA HIS A 296 -7.95 3.23 -40.24
C HIS A 296 -9.46 2.98 -39.98
N THR A 297 -10.27 4.06 -39.97
CA THR A 297 -11.76 4.03 -40.08
C THR A 297 -12.18 3.15 -41.27
N LEU A 298 -13.20 2.32 -41.10
CA LEU A 298 -13.75 1.50 -42.20
C LEU A 298 -15.02 2.16 -42.73
N ALA A 299 -15.25 2.00 -44.03
CA ALA A 299 -16.38 2.52 -44.84
C ALA A 299 -17.73 2.50 -44.08
N ASN A 300 -18.23 1.32 -43.69
CA ASN A 300 -19.59 1.15 -43.10
C ASN A 300 -19.48 0.79 -41.62
N GLY A 301 -18.70 1.57 -40.86
CA GLY A 301 -18.63 1.55 -39.38
C GLY A 301 -17.41 0.81 -38.83
N GLY A 302 -16.92 1.27 -37.68
CA GLY A 302 -15.86 0.59 -36.92
C GLY A 302 -14.48 0.78 -37.52
N THR A 303 -13.47 0.05 -36.99
CA THR A 303 -12.02 0.19 -37.32
C THR A 303 -11.39 -1.12 -37.74
N GLN A 304 -10.22 -0.96 -38.36
CA GLN A 304 -9.07 -1.89 -38.47
C GLN A 304 -7.89 -1.19 -37.81
N GLY A 305 -7.19 -1.90 -36.92
CA GLY A 305 -5.97 -1.43 -36.24
C GLY A 305 -5.34 -2.56 -35.45
N ARG A 306 -4.24 -2.30 -34.74
CA ARG A 306 -3.57 -3.33 -33.91
C ARG A 306 -4.47 -3.65 -32.71
N HIS A 307 -4.73 -4.93 -32.49
CA HIS A 307 -5.50 -5.49 -31.35
C HIS A 307 -4.95 -5.07 -29.98
N LEU A 308 -5.88 -4.82 -29.07
CA LEU A 308 -5.61 -4.19 -27.76
C LEU A 308 -5.87 -5.26 -26.70
N ILE A 309 -4.99 -5.36 -25.71
CA ILE A 309 -5.14 -6.36 -24.65
C ILE A 309 -4.58 -5.83 -23.32
N THR A 310 -5.26 -6.11 -22.19
CA THR A 310 -4.79 -5.71 -20.84
C THR A 310 -3.58 -6.56 -20.46
N ASP A 311 -2.85 -6.16 -19.42
CA ASP A 311 -1.70 -6.94 -18.89
C ASP A 311 -2.22 -8.33 -18.47
N LYS A 312 -3.44 -8.42 -17.92
CA LYS A 312 -4.07 -9.66 -17.37
C LYS A 312 -4.69 -10.54 -18.46
N GLN A 313 -5.19 -9.97 -19.55
CA GLN A 313 -5.91 -10.70 -20.64
C GLN A 313 -4.93 -11.69 -21.29
N ILE A 314 -3.65 -11.35 -21.35
CA ILE A 314 -2.63 -12.14 -22.10
C ILE A 314 -2.45 -13.53 -21.47
N ILE A 315 -2.89 -13.70 -20.23
CA ILE A 315 -2.80 -14.99 -19.50
C ILE A 315 -3.46 -16.06 -20.36
N ILE A 316 -4.62 -15.79 -20.93
CA ILE A 316 -5.43 -16.86 -21.61
C ILE A 316 -4.59 -17.49 -22.72
N TYR A 317 -3.67 -16.75 -23.32
CA TYR A 317 -2.78 -17.23 -24.43
C TYR A 317 -1.73 -18.22 -23.90
N GLN A 318 -1.39 -18.13 -22.59
CA GLN A 318 -0.16 -18.69 -21.94
C GLN A 318 1.00 -18.40 -22.87
N PRO A 319 1.48 -17.14 -22.81
CA PRO A 319 2.45 -16.62 -23.78
C PRO A 319 3.78 -17.39 -23.89
N GLU A 320 4.32 -17.83 -22.76
CA GLU A 320 5.70 -18.36 -22.65
C GLU A 320 5.72 -19.74 -23.32
N ASN A 321 4.58 -20.42 -23.42
CA ASN A 321 4.46 -21.79 -23.97
C ASN A 321 3.94 -21.77 -25.40
N LEU A 322 3.77 -20.56 -25.97
CA LEU A 322 3.15 -20.36 -27.30
C LEU A 322 4.13 -20.86 -28.35
N ASN A 323 3.67 -21.64 -29.33
CA ASN A 323 4.47 -21.98 -30.53
C ASN A 323 4.96 -20.66 -31.12
N SER A 324 6.09 -20.69 -31.84
CA SER A 324 6.84 -19.48 -32.27
C SER A 324 6.07 -18.72 -33.35
N GLN A 325 5.28 -19.42 -34.17
CA GLN A 325 4.35 -18.78 -35.15
C GLN A 325 3.43 -17.80 -34.38
N ASP A 326 2.68 -18.33 -33.43
CA ASP A 326 1.72 -17.64 -32.54
C ASP A 326 2.37 -16.53 -31.69
N LYS A 327 3.64 -16.61 -31.27
CA LYS A 327 4.23 -15.61 -30.35
C LYS A 327 4.58 -14.36 -31.19
N GLN A 328 4.89 -14.57 -32.46
CA GLN A 328 5.31 -13.47 -33.36
C GLN A 328 4.09 -12.61 -33.69
N LEU A 329 2.91 -13.24 -33.79
CA LEU A 329 1.62 -12.55 -33.98
C LEU A 329 1.17 -11.92 -32.66
N PHE A 330 1.26 -12.61 -31.54
CA PHE A 330 0.92 -12.03 -30.21
C PHE A 330 1.75 -10.75 -29.95
N ASP A 331 2.97 -10.64 -30.50
CA ASP A 331 3.92 -9.50 -30.32
C ASP A 331 3.43 -8.23 -31.04
N ASN A 332 2.55 -8.37 -32.02
CA ASN A 332 1.97 -7.20 -32.74
C ASN A 332 0.71 -6.67 -32.01
N TYR A 333 0.38 -7.19 -30.82
CA TYR A 333 -0.70 -6.66 -29.94
C TYR A 333 -0.20 -5.39 -29.24
N VAL A 334 -1.12 -4.52 -28.83
CA VAL A 334 -0.81 -3.34 -27.99
C VAL A 334 -1.43 -3.54 -26.61
N ILE A 335 -0.72 -3.08 -25.58
CA ILE A 335 -1.12 -3.23 -24.15
C ILE A 335 -1.98 -2.03 -23.76
N LEU A 336 -3.21 -2.29 -23.31
CA LEU A 336 -4.20 -1.24 -22.99
C LEU A 336 -3.54 -0.12 -22.17
N GLY A 337 -2.77 -0.48 -21.15
CA GLY A 337 -2.03 0.47 -20.30
C GLY A 337 -1.27 1.48 -21.13
N ASN A 338 -0.56 1.05 -22.19
CA ASN A 338 0.28 1.95 -23.02
C ASN A 338 -0.63 2.81 -23.90
N TYR A 339 -1.66 2.18 -24.47
CA TYR A 339 -2.72 2.81 -25.28
C TYR A 339 -3.37 3.95 -24.48
N THR A 340 -3.91 3.67 -23.29
CA THR A 340 -4.68 4.64 -22.47
C THR A 340 -3.75 5.68 -21.88
N THR A 341 -2.48 5.32 -21.69
CA THR A 341 -1.43 6.28 -21.31
C THR A 341 -1.27 7.29 -22.50
N LEU A 342 -1.22 6.80 -23.74
CA LEU A 342 -1.06 7.66 -24.95
C LEU A 342 -2.30 8.56 -25.12
N MET A 343 -3.51 8.01 -24.96
CA MET A 343 -4.76 8.81 -24.95
C MET A 343 -4.60 9.95 -23.95
N PHE A 344 -4.28 9.65 -22.69
CA PHE A 344 -4.24 10.73 -21.68
C PHE A 344 -3.13 11.74 -22.06
N ASN A 345 -1.97 11.26 -22.50
CA ASN A 345 -0.84 12.14 -22.90
C ASN A 345 -1.28 13.09 -24.03
N ILE A 346 -2.03 12.56 -25.00
CA ILE A 346 -2.69 13.35 -26.07
C ILE A 346 -3.68 14.35 -25.46
N SER A 347 -4.50 13.98 -24.47
CA SER A 347 -5.57 14.89 -23.99
C SER A 347 -4.98 16.12 -23.31
N ARG A 348 -3.93 15.95 -22.48
CA ARG A 348 -3.08 17.01 -21.87
C ARG A 348 -2.45 17.92 -22.95
N ALA A 349 -1.92 17.31 -24.01
CA ALA A 349 -1.26 18.01 -25.11
C ALA A 349 -2.28 18.96 -25.75
N TYR A 350 -3.49 18.44 -25.95
CA TYR A 350 -4.62 19.13 -26.61
C TYR A 350 -5.03 20.30 -25.73
N VAL A 351 -5.23 20.08 -24.44
CA VAL A 351 -5.71 21.15 -23.52
C VAL A 351 -4.68 22.30 -23.43
N LEU A 352 -3.38 22.04 -23.64
CA LEU A 352 -2.32 23.07 -23.50
C LEU A 352 -1.93 23.64 -24.85
N GLU A 353 -2.22 22.97 -25.96
CA GLU A 353 -1.72 23.41 -27.30
C GLU A 353 -2.33 24.78 -27.66
N LYS A 354 -1.44 25.73 -28.02
CA LYS A 354 -1.79 27.08 -28.56
C LYS A 354 -2.06 27.02 -30.07
N ASP A 355 -1.25 26.30 -30.88
CA ASP A 355 -1.44 26.24 -32.37
C ASP A 355 -2.72 25.45 -32.68
N PRO A 356 -3.69 26.05 -33.40
CA PRO A 356 -5.00 25.44 -33.58
C PRO A 356 -5.04 24.27 -34.57
N THR A 357 -4.27 24.35 -35.66
CA THR A 357 -4.04 23.24 -36.63
C THR A 357 -3.65 21.97 -35.86
N GLN A 358 -2.62 22.07 -34.98
CA GLN A 358 -2.07 20.95 -34.16
C GLN A 358 -3.04 20.59 -33.05
N LYS A 359 -3.67 21.59 -32.42
CA LYS A 359 -4.71 21.36 -31.40
C LYS A 359 -5.81 20.50 -32.03
N ALA A 360 -6.14 20.76 -33.28
CA ALA A 360 -7.19 20.03 -34.01
C ALA A 360 -6.74 18.59 -34.29
N GLN A 361 -5.46 18.39 -34.53
CA GLN A 361 -4.90 17.07 -34.95
C GLN A 361 -4.92 16.13 -33.76
N LEU A 362 -4.70 16.70 -32.58
CA LEU A 362 -4.69 16.08 -31.24
C LEU A 362 -6.10 15.60 -30.89
N LYS A 363 -7.09 16.47 -31.05
CA LYS A 363 -8.51 16.08 -30.86
C LYS A 363 -8.82 14.85 -31.73
N GLN A 364 -8.36 14.82 -32.99
CA GLN A 364 -8.74 13.77 -33.99
C GLN A 364 -8.10 12.44 -33.60
N MET A 365 -6.79 12.48 -33.38
CA MET A 365 -6.05 11.35 -32.76
C MET A 365 -6.88 10.79 -31.60
N TYR A 366 -7.15 11.57 -30.55
CA TYR A 366 -7.88 11.09 -29.34
C TYR A 366 -9.21 10.45 -29.69
N LEU A 367 -9.89 10.99 -30.68
CA LEU A 367 -11.26 10.55 -31.02
C LEU A 367 -11.18 9.23 -31.77
N LEU A 368 -10.24 9.12 -32.71
CA LEU A 368 -9.97 7.85 -33.45
C LEU A 368 -9.51 6.77 -32.45
N MET A 369 -8.70 7.15 -31.45
CA MET A 369 -8.28 6.15 -30.45
C MET A 369 -9.50 5.75 -29.63
N THR A 370 -10.38 6.68 -29.26
CA THR A 370 -11.63 6.31 -28.54
C THR A 370 -12.41 5.33 -29.42
N LYS A 371 -12.42 5.51 -30.73
CA LYS A 371 -13.38 4.73 -31.56
C LYS A 371 -12.90 3.30 -31.71
N HIS A 372 -11.63 3.16 -32.04
CA HIS A 372 -10.87 1.89 -32.05
C HIS A 372 -11.14 1.09 -30.76
N LEU A 373 -10.91 1.75 -29.62
CA LEU A 373 -11.12 1.19 -28.25
C LEU A 373 -12.53 0.60 -28.12
N LEU A 374 -13.55 1.30 -28.56
CA LEU A 374 -14.95 0.80 -28.42
C LEU A 374 -15.19 -0.29 -29.46
N ASP A 375 -14.63 -0.16 -30.67
CA ASP A 375 -14.83 -1.17 -31.76
C ASP A 375 -14.16 -2.49 -31.33
N GLN A 376 -13.05 -2.38 -30.61
CA GLN A 376 -12.36 -3.58 -30.10
C GLN A 376 -13.21 -4.30 -29.02
N GLY A 377 -14.35 -3.76 -28.60
CA GLY A 377 -15.26 -4.46 -27.67
C GLY A 377 -15.00 -4.08 -26.23
N PHE A 378 -14.38 -2.93 -26.00
CA PHE A 378 -14.35 -2.27 -24.67
C PHE A 378 -15.54 -1.30 -24.57
N VAL A 379 -16.68 -1.90 -24.27
CA VAL A 379 -18.02 -1.27 -24.20
C VAL A 379 -18.82 -2.00 -23.13
N LYS A 380 -19.69 -1.33 -22.41
CA LYS A 380 -20.77 -1.96 -21.61
C LYS A 380 -21.22 -3.29 -22.21
N GLY A 381 -21.32 -4.34 -21.37
CA GLY A 381 -21.87 -5.67 -21.68
C GLY A 381 -20.86 -6.63 -22.30
N SER A 382 -19.64 -6.16 -22.56
CA SER A 382 -18.53 -6.97 -23.11
C SER A 382 -17.55 -7.20 -21.96
N ALA A 383 -17.46 -8.46 -21.44
CA ALA A 383 -16.58 -8.84 -20.32
C ALA A 383 -15.11 -8.85 -20.78
N LEU A 384 -14.90 -9.24 -22.06
CA LEU A 384 -13.64 -9.57 -22.79
C LEU A 384 -12.93 -10.78 -22.15
N VAL A 385 -13.75 -11.78 -21.78
CA VAL A 385 -13.38 -12.95 -20.93
C VAL A 385 -13.04 -12.47 -19.51
N THR A 386 -12.10 -11.51 -19.38
CA THR A 386 -11.92 -10.75 -18.11
C THR A 386 -11.15 -9.43 -18.30
N THR A 387 -11.17 -8.63 -17.25
CA THR A 387 -10.54 -7.28 -17.20
C THR A 387 -10.01 -7.00 -15.81
N HIS A 388 -9.73 -8.03 -15.02
CA HIS A 388 -9.24 -7.86 -13.63
C HIS A 388 -8.01 -6.95 -13.64
N HIS A 389 -7.83 -6.23 -12.54
CA HIS A 389 -6.75 -5.24 -12.35
C HIS A 389 -6.89 -4.22 -13.48
N TRP A 390 -8.13 -3.73 -13.59
CA TRP A 390 -8.58 -2.79 -14.65
C TRP A 390 -7.89 -1.45 -14.42
N GLY A 391 -7.81 -1.04 -13.15
CA GLY A 391 -7.03 0.12 -12.70
C GLY A 391 -5.71 0.20 -13.45
N TYR A 392 -4.94 -0.87 -13.49
CA TYR A 392 -3.59 -0.78 -14.11
C TYR A 392 -3.73 -0.41 -15.59
N SER A 393 -4.79 -0.83 -16.28
CA SER A 393 -4.83 -0.78 -17.77
C SER A 393 -5.55 0.50 -18.28
N SER A 394 -6.18 1.27 -17.38
CA SER A 394 -7.26 2.21 -17.71
C SER A 394 -7.32 3.40 -16.74
N ARG A 395 -6.53 3.46 -15.68
CA ARG A 395 -6.64 4.58 -14.70
C ARG A 395 -6.60 5.96 -15.39
N TRP A 396 -5.83 6.09 -16.49
CA TRP A 396 -5.55 7.36 -17.21
C TRP A 396 -6.56 7.58 -18.32
N TRP A 397 -7.31 6.56 -18.72
CA TRP A 397 -8.54 6.74 -19.53
C TRP A 397 -9.59 7.54 -18.74
N TYR A 398 -10.02 7.07 -17.58
CA TYR A 398 -10.88 7.84 -16.63
C TYR A 398 -10.47 9.30 -16.68
N ILE A 399 -9.21 9.60 -16.35
CA ILE A 399 -8.79 11.02 -16.15
C ILE A 399 -8.85 11.71 -17.52
N SER A 400 -8.44 11.02 -18.59
CA SER A 400 -8.42 11.56 -19.98
C SER A 400 -9.81 12.07 -20.39
N THR A 401 -10.92 11.37 -20.09
CA THR A 401 -12.31 11.89 -20.32
C THR A 401 -12.58 13.27 -19.64
N LEU A 402 -11.92 13.66 -18.56
CA LEU A 402 -12.15 14.99 -17.92
C LEU A 402 -11.72 16.10 -18.89
N LEU A 403 -10.47 16.01 -19.37
CA LEU A 403 -9.81 16.94 -20.33
C LEU A 403 -10.59 16.96 -21.65
N MET A 404 -11.20 15.84 -22.05
CA MET A 404 -11.90 15.70 -23.36
C MET A 404 -13.43 15.62 -23.21
N SER A 405 -14.01 16.11 -22.09
CA SER A 405 -15.49 16.10 -21.84
C SER A 405 -16.23 16.65 -23.06
N ASP A 406 -15.80 17.85 -23.50
CA ASP A 406 -16.48 18.62 -24.58
C ASP A 406 -16.27 17.91 -25.91
N ALA A 407 -15.06 17.58 -26.31
CA ALA A 407 -14.86 16.85 -27.59
C ALA A 407 -15.76 15.61 -27.64
N LEU A 408 -15.91 14.89 -26.52
CA LEU A 408 -16.67 13.61 -26.47
C LEU A 408 -18.15 13.89 -26.68
N LYS A 409 -18.65 15.00 -26.12
CA LYS A 409 -20.03 15.50 -26.30
C LYS A 409 -20.36 15.73 -27.80
N GLU A 410 -19.51 16.50 -28.50
CA GLU A 410 -19.66 16.90 -29.93
C GLU A 410 -19.65 15.65 -30.80
N ALA A 411 -18.63 14.81 -30.63
CA ALA A 411 -18.48 13.49 -31.30
C ALA A 411 -19.59 12.51 -30.91
N ASN A 412 -20.39 12.80 -29.87
CA ASN A 412 -21.57 11.99 -29.44
C ASN A 412 -21.12 10.62 -28.89
N LEU A 413 -19.93 10.57 -28.27
CA LEU A 413 -19.29 9.37 -27.68
C LEU A 413 -19.41 9.41 -26.16
N GLN A 414 -19.80 10.53 -25.55
CA GLN A 414 -19.81 10.63 -24.06
C GLN A 414 -20.66 9.50 -23.48
N THR A 415 -21.70 9.05 -24.16
CA THR A 415 -22.65 8.10 -23.52
C THR A 415 -22.06 6.68 -23.61
N GLN A 416 -21.48 6.29 -24.74
CA GLN A 416 -20.81 4.99 -24.90
C GLN A 416 -19.63 4.89 -23.90
N VAL A 417 -18.87 5.97 -23.77
CA VAL A 417 -17.57 5.97 -23.06
C VAL A 417 -17.85 5.85 -21.56
N TYR A 418 -18.88 6.55 -21.06
CA TYR A 418 -19.37 6.41 -19.66
C TYR A 418 -19.90 5.00 -19.42
N ASP A 419 -20.73 4.50 -20.33
CA ASP A 419 -21.31 3.13 -20.22
C ASP A 419 -20.16 2.11 -20.07
N SER A 420 -19.07 2.27 -20.84
CA SER A 420 -17.88 1.37 -20.89
C SER A 420 -17.13 1.41 -19.56
N LEU A 421 -16.50 2.55 -19.23
CA LEU A 421 -15.84 2.79 -17.92
C LEU A 421 -16.76 2.35 -16.76
N LEU A 422 -18.08 2.51 -16.83
CA LEU A 422 -18.98 2.11 -15.70
C LEU A 422 -19.11 0.58 -15.59
N TRP A 423 -19.25 -0.11 -16.70
CA TRP A 423 -19.25 -1.60 -16.79
C TRP A 423 -17.97 -2.14 -16.14
N TYR A 424 -16.81 -1.79 -16.71
CA TYR A 424 -15.46 -2.29 -16.33
C TYR A 424 -15.12 -1.86 -14.90
N SER A 425 -15.74 -0.80 -14.41
CA SER A 425 -15.62 -0.39 -13.00
C SER A 425 -16.37 -1.33 -12.06
N ARG A 426 -17.27 -2.20 -12.53
CA ARG A 426 -17.98 -3.16 -11.62
C ARG A 426 -16.95 -3.92 -10.75
N GLU A 427 -15.76 -4.22 -11.26
CA GLU A 427 -14.65 -4.77 -10.42
C GLU A 427 -14.57 -4.01 -9.08
N PHE A 428 -14.69 -2.68 -9.06
CA PHE A 428 -14.47 -1.89 -7.82
C PHE A 428 -15.82 -1.66 -7.15
N LYS A 429 -16.81 -2.48 -7.43
CA LYS A 429 -18.19 -2.30 -6.94
C LYS A 429 -18.22 -1.94 -5.46
N SER A 430 -17.38 -2.47 -4.60
CA SER A 430 -17.54 -2.29 -3.13
C SER A 430 -17.06 -0.91 -2.71
N SER A 431 -16.24 -0.23 -3.50
CA SER A 431 -15.95 1.23 -3.32
C SER A 431 -16.91 2.09 -4.18
N PHE A 432 -17.05 1.77 -5.47
CA PHE A 432 -17.72 2.65 -6.47
C PHE A 432 -19.21 2.79 -6.11
N ASP A 433 -19.93 1.73 -5.71
CA ASP A 433 -21.33 1.80 -5.20
C ASP A 433 -21.52 2.89 -4.15
N MET A 434 -20.50 3.24 -3.37
CA MET A 434 -20.48 4.44 -2.50
C MET A 434 -21.32 4.26 -1.24
N LYS A 435 -21.65 3.03 -0.87
CA LYS A 435 -22.18 2.71 0.49
C LYS A 435 -20.99 2.53 1.45
N VAL A 436 -21.01 3.30 2.55
CA VAL A 436 -19.96 3.36 3.62
C VAL A 436 -20.08 2.07 4.46
N SER A 437 -19.04 1.25 4.31
CA SER A 437 -18.78 -0.05 4.98
C SER A 437 -17.49 0.04 5.81
N ALA A 438 -17.11 -1.10 6.39
CA ALA A 438 -15.94 -1.33 7.25
C ALA A 438 -14.65 -1.29 6.43
N ASP A 439 -14.72 -1.53 5.11
CA ASP A 439 -13.63 -1.61 4.11
C ASP A 439 -13.47 -0.33 3.28
N SER A 440 -14.34 0.67 3.46
CA SER A 440 -14.39 1.87 2.59
C SER A 440 -13.17 2.79 2.81
N SER A 441 -12.38 2.60 3.89
CA SER A 441 -11.19 3.41 4.21
C SER A 441 -9.91 2.82 3.59
N ASP A 442 -10.00 1.85 2.66
CA ASP A 442 -8.93 1.21 1.85
C ASP A 442 -7.93 2.28 1.38
N LEU A 443 -6.65 2.14 1.67
CA LEU A 443 -5.64 3.15 1.31
C LEU A 443 -5.21 2.94 -0.14
N ASP A 444 -5.42 1.76 -0.74
CA ASP A 444 -5.05 1.64 -2.18
C ASP A 444 -6.02 2.49 -3.02
N TYR A 445 -7.31 2.47 -2.66
CA TYR A 445 -8.36 3.17 -3.42
C TYR A 445 -8.05 4.68 -3.43
N PHE A 446 -7.72 5.25 -2.27
CA PHE A 446 -7.31 6.67 -2.14
C PHE A 446 -6.14 6.95 -3.08
N ASN A 447 -5.23 6.01 -3.29
CA ASN A 447 -4.07 6.20 -4.18
C ASN A 447 -4.51 6.08 -5.65
N THR A 448 -4.99 4.90 -6.03
CA THR A 448 -5.06 4.47 -7.46
C THR A 448 -6.47 4.54 -8.07
N LEU A 449 -7.48 4.93 -7.30
CA LEU A 449 -8.91 4.75 -7.70
C LEU A 449 -9.77 5.99 -7.41
N SER A 450 -9.47 6.79 -6.38
CA SER A 450 -10.35 7.88 -5.89
C SER A 450 -10.65 8.94 -7.00
N ARG A 451 -9.66 9.35 -7.79
CA ARG A 451 -9.83 10.43 -8.81
C ARG A 451 -10.47 9.81 -10.04
N GLN A 452 -10.16 8.55 -10.32
CA GLN A 452 -10.76 7.80 -11.44
C GLN A 452 -12.24 7.65 -11.14
N HIS A 453 -12.60 7.42 -9.88
CA HIS A 453 -14.02 7.28 -9.40
C HIS A 453 -14.76 8.62 -9.64
N LEU A 454 -14.20 9.74 -9.19
CA LEU A 454 -14.81 11.10 -9.31
C LEU A 454 -14.98 11.47 -10.79
N ALA A 455 -14.01 11.14 -11.62
CA ALA A 455 -13.98 11.35 -13.09
C ALA A 455 -15.10 10.59 -13.76
N LEU A 456 -15.38 9.35 -13.34
CA LEU A 456 -16.48 8.54 -13.90
C LEU A 456 -17.79 9.19 -13.49
N LEU A 457 -17.90 9.62 -12.22
CA LEU A 457 -19.12 10.31 -11.77
C LEU A 457 -19.35 11.56 -12.66
N LEU A 458 -18.31 12.36 -12.91
CA LEU A 458 -18.46 13.67 -13.57
C LEU A 458 -18.82 13.49 -15.05
N LEU A 459 -18.77 12.26 -15.57
CA LEU A 459 -19.07 11.96 -16.99
C LEU A 459 -20.55 11.52 -17.16
N GLU A 460 -21.31 11.42 -16.06
CA GLU A 460 -22.77 11.12 -16.07
C GLU A 460 -23.46 12.14 -16.98
N PRO A 461 -24.15 11.70 -18.08
CA PRO A 461 -24.94 12.59 -18.93
C PRO A 461 -25.99 13.47 -18.22
N ASP A 462 -26.88 12.90 -17.41
CA ASP A 462 -28.01 13.67 -16.82
C ASP A 462 -27.45 14.59 -15.72
N ASP A 463 -27.77 15.87 -15.75
CA ASP A 463 -27.32 16.85 -14.72
C ASP A 463 -27.83 16.44 -13.33
N GLN A 464 -29.08 15.98 -13.19
CA GLN A 464 -29.60 15.68 -11.83
C GLN A 464 -28.88 14.43 -11.27
N LYS A 465 -28.48 13.51 -12.14
CA LYS A 465 -27.84 12.23 -11.70
C LYS A 465 -26.40 12.53 -11.30
N ARG A 466 -25.67 13.26 -12.14
CA ARG A 466 -24.33 13.78 -11.83
C ARG A 466 -24.37 14.41 -10.44
N ILE A 467 -25.16 15.43 -10.19
CA ILE A 467 -25.12 16.09 -8.85
C ILE A 467 -25.32 15.02 -7.74
N ASN A 468 -26.24 14.09 -7.94
CA ASN A 468 -26.63 13.09 -6.92
C ASN A 468 -25.44 12.21 -6.56
N LEU A 469 -24.73 11.74 -7.60
CA LEU A 469 -23.51 10.89 -7.52
C LEU A 469 -22.37 11.65 -6.86
N VAL A 470 -22.10 12.88 -7.30
CA VAL A 470 -21.02 13.69 -6.67
C VAL A 470 -21.48 14.06 -5.24
N ASN A 471 -22.75 14.33 -5.01
CA ASN A 471 -23.21 14.62 -3.62
C ASN A 471 -22.90 13.40 -2.72
N THR A 472 -23.11 12.19 -3.25
CA THR A 472 -23.06 10.90 -2.51
C THR A 472 -21.59 10.57 -2.24
N PHE A 473 -20.76 10.76 -3.27
CA PHE A 473 -19.30 10.57 -3.31
C PHE A 473 -18.61 11.51 -2.33
N SER A 474 -19.17 12.66 -2.05
CA SER A 474 -18.69 13.53 -0.95
C SER A 474 -19.03 12.89 0.40
N HIS A 475 -20.22 12.31 0.58
CA HIS A 475 -20.64 11.75 1.89
C HIS A 475 -19.85 10.44 2.12
N TYR A 476 -19.55 9.73 1.05
CA TYR A 476 -18.69 8.51 1.03
C TYR A 476 -17.27 8.79 1.51
N ILE A 477 -16.54 9.68 0.82
CA ILE A 477 -15.17 10.16 1.16
C ILE A 477 -15.15 10.66 2.61
N THR A 478 -16.13 11.42 3.06
CA THR A 478 -16.24 11.95 4.45
C THR A 478 -16.29 10.80 5.47
N GLY A 479 -17.23 9.88 5.30
CA GLY A 479 -17.33 8.67 6.12
C GLY A 479 -16.01 7.94 6.09
N ALA A 480 -15.42 7.80 4.91
CA ALA A 480 -14.23 6.94 4.68
C ALA A 480 -13.02 7.49 5.45
N LEU A 481 -12.84 8.81 5.53
CA LEU A 481 -11.76 9.46 6.32
C LEU A 481 -12.26 9.84 7.73
N THR A 482 -13.51 9.54 8.13
CA THR A 482 -14.02 9.93 9.48
C THR A 482 -14.01 8.70 10.39
N GLN A 483 -14.62 7.59 9.94
CA GLN A 483 -14.81 6.33 10.72
C GLN A 483 -13.44 5.78 11.22
N VAL A 484 -13.45 5.25 12.45
CA VAL A 484 -12.42 4.30 12.94
C VAL A 484 -12.80 2.91 12.43
N PRO A 485 -12.15 2.32 11.39
CA PRO A 485 -12.51 1.00 10.89
C PRO A 485 -12.33 0.00 12.02
N PRO A 486 -13.12 -1.08 12.12
CA PRO A 486 -12.87 -2.12 13.13
C PRO A 486 -11.60 -2.91 12.81
N GLY A 487 -11.02 -3.51 13.87
CA GLY A 487 -9.90 -4.46 13.77
C GLY A 487 -8.73 -3.86 13.04
N GLY A 488 -8.21 -4.59 12.04
CA GLY A 488 -7.05 -4.20 11.23
C GLY A 488 -7.46 -3.74 9.84
N LYS A 489 -8.74 -3.42 9.65
CA LYS A 489 -9.20 -2.90 8.35
C LYS A 489 -8.42 -1.62 8.03
N ASP A 490 -8.24 -1.33 6.74
CA ASP A 490 -7.49 -0.13 6.32
C ASP A 490 -8.11 1.12 6.94
N GLY A 491 -7.27 2.14 7.12
CA GLY A 491 -7.74 3.53 7.23
C GLY A 491 -7.12 4.24 8.43
N LEU A 492 -7.32 5.55 8.50
CA LEU A 492 -6.81 6.39 9.60
C LEU A 492 -7.29 5.80 10.93
N ARG A 493 -6.63 6.16 12.02
CA ARG A 493 -6.95 5.70 13.40
C ARG A 493 -6.78 6.89 14.34
N PRO A 494 -7.34 6.84 15.57
CA PRO A 494 -7.45 8.03 16.40
C PRO A 494 -6.12 8.64 16.85
N ASP A 495 -5.00 7.93 16.65
CA ASP A 495 -3.70 8.39 17.21
C ASP A 495 -2.85 8.93 16.09
N GLY A 496 -3.35 8.84 14.85
CA GLY A 496 -2.66 9.42 13.69
C GLY A 496 -2.09 8.36 12.79
N THR A 497 -2.22 7.11 13.19
CA THR A 497 -1.66 6.02 12.36
C THR A 497 -2.65 5.86 11.24
N ALA A 498 -2.26 5.06 10.26
CA ALA A 498 -2.93 4.90 8.97
C ALA A 498 -2.61 3.50 8.48
N TRP A 499 -3.59 2.61 8.44
CA TRP A 499 -3.35 1.16 8.30
C TRP A 499 -3.61 0.67 6.88
N ARG A 500 -2.69 -0.13 6.40
CA ARG A 500 -2.91 -1.13 5.32
C ARG A 500 -2.13 -2.40 5.70
N HIS A 501 -2.55 -3.53 5.11
CA HIS A 501 -2.07 -4.89 5.48
C HIS A 501 -2.19 -5.08 6.99
N GLU A 502 -3.25 -4.55 7.59
CA GLU A 502 -3.65 -4.78 9.00
C GLU A 502 -2.64 -4.13 9.96
N GLY A 503 -2.07 -3.01 9.59
CA GLY A 503 -1.13 -2.33 10.48
C GLY A 503 -0.70 -1.00 9.94
N ASN A 504 -0.26 -0.13 10.83
CA ASN A 504 0.35 1.17 10.44
C ASN A 504 1.39 0.94 9.33
N TYR A 505 1.33 1.69 8.24
CA TYR A 505 2.14 1.37 7.05
C TYR A 505 2.37 2.63 6.21
N PRO A 506 3.29 3.51 6.67
CA PRO A 506 3.70 4.69 5.89
C PRO A 506 3.73 4.45 4.38
N GLY A 507 4.35 3.36 3.93
CA GLY A 507 4.56 3.07 2.50
C GLY A 507 3.27 2.96 1.68
N TYR A 508 2.11 2.75 2.32
CA TYR A 508 0.75 2.72 1.65
C TYR A 508 -0.05 3.98 2.03
N SER A 509 0.09 4.50 3.24
CA SER A 509 -0.57 5.75 3.70
C SER A 509 -0.04 7.03 2.99
N PHE A 510 1.26 7.14 2.70
CA PHE A 510 1.85 8.40 2.18
C PHE A 510 1.16 8.76 0.85
N PRO A 511 1.10 7.84 -0.16
CA PRO A 511 0.33 8.10 -1.38
C PRO A 511 -1.19 8.26 -1.15
N ALA A 512 -1.78 7.59 -0.16
CA ALA A 512 -3.19 7.78 0.23
C ALA A 512 -3.37 9.21 0.78
N PHE A 513 -2.47 9.67 1.67
CA PHE A 513 -2.48 11.04 2.26
C PHE A 513 -2.45 12.13 1.17
N LYS A 514 -1.71 11.90 0.06
CA LYS A 514 -1.48 12.91 -1.03
C LYS A 514 -2.76 13.10 -1.84
N ASN A 515 -3.34 12.01 -2.34
CA ASN A 515 -4.57 11.93 -3.16
C ASN A 515 -5.85 12.18 -2.34
N ALA A 516 -5.96 11.90 -1.04
CA ALA A 516 -7.18 12.27 -0.29
C ALA A 516 -7.10 13.76 0.04
N SER A 517 -5.90 14.28 0.25
CA SER A 517 -5.65 15.73 0.40
C SER A 517 -6.10 16.48 -0.86
N GLN A 518 -5.71 15.99 -2.03
CA GLN A 518 -6.03 16.57 -3.34
C GLN A 518 -7.54 16.50 -3.59
N LEU A 519 -8.19 15.39 -3.22
CA LEU A 519 -9.66 15.18 -3.30
C LEU A 519 -10.39 16.28 -2.53
N ILE A 520 -10.01 16.56 -1.28
CA ILE A 520 -10.74 17.54 -0.44
C ILE A 520 -10.55 18.93 -1.07
N TYR A 521 -9.38 19.17 -1.67
CA TYR A 521 -9.04 20.46 -2.34
C TYR A 521 -9.91 20.64 -3.61
N LEU A 522 -10.12 19.58 -4.40
CA LEU A 522 -10.96 19.68 -5.63
C LEU A 522 -12.41 20.08 -5.26
N LEU A 523 -12.92 19.69 -4.10
CA LEU A 523 -14.32 19.90 -3.63
C LEU A 523 -14.39 21.09 -2.66
N ARG A 524 -13.26 21.72 -2.32
CA ARG A 524 -13.27 22.73 -1.23
C ARG A 524 -14.28 23.85 -1.57
N ASP A 525 -14.86 24.44 -0.53
CA ASP A 525 -15.74 25.64 -0.68
C ASP A 525 -16.78 25.42 -1.79
N THR A 526 -17.37 24.24 -1.89
CA THR A 526 -18.51 23.95 -2.79
C THR A 526 -19.51 23.21 -1.93
N PRO A 527 -20.76 22.97 -2.39
CA PRO A 527 -21.71 22.10 -1.66
C PRO A 527 -21.34 20.61 -1.65
N PHE A 528 -20.31 20.23 -2.41
CA PHE A 528 -19.75 18.87 -2.51
C PHE A 528 -18.51 18.78 -1.62
N SER A 529 -18.18 19.86 -0.90
CA SER A 529 -16.97 19.92 -0.02
C SER A 529 -17.07 18.79 1.04
N VAL A 530 -15.94 18.15 1.33
CA VAL A 530 -15.84 17.04 2.32
C VAL A 530 -16.16 17.52 3.76
N GLY A 531 -16.82 16.69 4.60
CA GLY A 531 -17.18 17.05 5.99
C GLY A 531 -15.95 17.42 6.80
N GLU A 532 -16.11 18.25 7.82
CA GLU A 532 -15.00 18.73 8.65
C GLU A 532 -14.41 17.51 9.35
N SER A 533 -15.26 16.57 9.77
CA SER A 533 -14.79 15.37 10.52
C SER A 533 -13.66 14.67 9.72
N GLY A 534 -13.86 14.42 8.43
CA GLY A 534 -12.88 13.79 7.54
C GLY A 534 -11.65 14.68 7.38
N TRP A 535 -11.82 15.99 7.31
CA TRP A 535 -10.70 16.98 7.26
C TRP A 535 -9.88 16.97 8.55
N ASN A 536 -10.51 16.96 9.73
CA ASN A 536 -9.84 16.96 11.05
C ASN A 536 -8.98 15.67 11.19
N ASN A 537 -9.52 14.57 10.70
CA ASN A 537 -8.91 13.24 10.90
C ASN A 537 -7.75 13.11 9.92
N LEU A 538 -7.93 13.47 8.65
CA LEU A 538 -6.78 13.36 7.72
C LEU A 538 -5.65 14.24 8.29
N LYS A 539 -5.99 15.33 8.99
CA LYS A 539 -4.97 16.31 9.49
C LYS A 539 -4.22 15.69 10.69
N LYS A 540 -4.92 15.09 11.65
CA LYS A 540 -4.27 14.32 12.75
C LYS A 540 -3.18 13.43 12.12
N ALA A 541 -3.53 12.67 11.07
CA ALA A 541 -2.68 11.66 10.41
C ALA A 541 -1.47 12.32 9.75
N MET A 542 -1.67 13.43 9.05
CA MET A 542 -0.57 14.08 8.29
C MET A 542 0.32 14.94 9.21
N VAL A 543 -0.19 15.53 10.29
CA VAL A 543 0.68 16.16 11.33
C VAL A 543 1.53 15.04 11.95
N SER A 544 0.90 13.90 12.25
CA SER A 544 1.52 12.69 12.82
C SER A 544 2.66 12.24 11.90
N ALA A 545 2.44 12.15 10.57
CA ALA A 545 3.49 11.77 9.59
C ALA A 545 4.64 12.80 9.60
N TRP A 546 4.34 14.09 9.67
CA TRP A 546 5.42 15.09 9.83
C TRP A 546 6.20 14.75 11.10
N ILE A 547 5.56 14.35 12.19
CA ILE A 547 6.32 14.05 13.44
C ILE A 547 7.27 12.84 13.25
N TYR A 548 6.81 11.73 12.65
CA TYR A 548 7.59 10.47 12.53
C TYR A 548 8.33 10.39 11.18
N SER A 549 8.57 11.52 10.53
CA SER A 549 9.45 11.59 9.33
C SER A 549 10.57 12.60 9.58
N ASN A 550 11.66 12.54 8.81
CA ASN A 550 12.76 13.48 9.14
C ASN A 550 13.88 13.50 8.11
N PRO A 551 13.56 13.51 6.81
CA PRO A 551 12.18 13.50 6.33
C PRO A 551 11.65 12.18 5.81
N GLU A 552 12.50 11.15 5.77
CA GLU A 552 12.07 9.74 5.52
C GLU A 552 11.56 9.19 6.84
N VAL A 553 10.62 8.27 6.83
CA VAL A 553 10.30 7.50 8.06
C VAL A 553 11.49 6.61 8.43
N GLY A 554 11.59 6.24 9.71
CA GLY A 554 12.69 5.41 10.21
C GLY A 554 12.67 4.02 9.61
N LEU A 555 13.79 3.28 9.74
CA LEU A 555 13.89 1.84 9.41
C LEU A 555 12.76 1.07 10.06
N PRO A 556 12.44 1.32 11.35
CA PRO A 556 11.29 0.65 11.98
C PRO A 556 9.94 0.78 11.26
N LEU A 557 9.75 1.87 10.50
CA LEU A 557 8.45 2.14 9.82
C LEU A 557 8.59 1.95 8.31
N ALA A 558 9.68 1.31 7.84
CA ALA A 558 10.00 1.04 6.41
C ALA A 558 9.17 -0.15 5.92
N GLY A 559 8.43 -0.81 6.80
CA GLY A 559 7.63 -1.98 6.40
C GLY A 559 8.50 -3.00 5.69
N ARG A 560 7.99 -3.53 4.58
CA ARG A 560 8.68 -4.60 3.83
C ARG A 560 9.80 -3.99 2.99
N HIS A 561 10.13 -2.72 3.17
CA HIS A 561 11.12 -2.01 2.32
C HIS A 561 12.20 -1.30 3.15
N PRO A 562 12.98 -2.01 3.97
CA PRO A 562 14.08 -1.37 4.69
C PRO A 562 15.09 -0.70 3.74
N PHE A 563 15.49 0.53 4.07
CA PHE A 563 16.53 1.33 3.36
C PHE A 563 15.94 2.03 2.12
N ASN A 564 14.64 1.85 1.93
CA ASN A 564 13.85 2.54 0.90
C ASN A 564 12.61 3.15 1.57
N SER A 565 12.76 3.65 2.80
CA SER A 565 11.73 4.37 3.56
C SER A 565 11.00 5.35 2.64
N PRO A 566 9.65 5.44 2.64
CA PRO A 566 8.96 6.53 1.96
C PRO A 566 9.39 7.89 2.50
N SER A 567 9.35 8.95 1.66
CA SER A 567 9.71 10.33 2.09
C SER A 567 8.46 11.19 2.22
N LEU A 568 8.44 12.10 3.18
CA LEU A 568 7.40 13.14 3.22
C LEU A 568 7.49 14.04 1.98
N LYS A 569 8.67 14.11 1.34
CA LYS A 569 8.92 14.92 0.11
C LYS A 569 7.89 14.54 -0.95
N SER A 570 7.50 13.26 -1.11
CA SER A 570 6.55 12.87 -2.19
C SER A 570 5.09 13.19 -1.80
N VAL A 571 4.85 13.65 -0.58
CA VAL A 571 3.50 13.92 -0.01
C VAL A 571 3.35 15.42 0.27
N ALA A 572 4.35 16.23 -0.07
CA ALA A 572 4.41 17.70 0.18
C ALA A 572 3.17 18.45 -0.41
N GLN A 573 2.79 18.22 -1.67
CA GLN A 573 1.62 18.92 -2.31
C GLN A 573 0.40 18.76 -1.38
N GLY A 574 0.27 17.60 -0.71
CA GLY A 574 -0.83 17.30 0.23
C GLY A 574 -0.92 18.30 1.37
N TYR A 575 0.20 18.80 1.89
CA TYR A 575 0.17 19.78 3.01
C TYR A 575 -0.48 21.09 2.52
N TYR A 576 -0.37 21.38 1.21
CA TYR A 576 -0.90 22.61 0.59
C TYR A 576 -2.41 22.40 0.35
N TRP A 577 -2.76 21.39 -0.46
CA TRP A 577 -4.17 20.97 -0.66
C TRP A 577 -4.92 20.94 0.68
N LEU A 578 -4.33 20.54 1.78
CA LEU A 578 -5.16 20.32 3.00
C LEU A 578 -5.27 21.63 3.76
N ALA A 579 -4.15 22.38 3.85
CA ALA A 579 -4.11 23.75 4.41
C ALA A 579 -5.19 24.60 3.73
N MET A 580 -5.20 24.57 2.39
CA MET A 580 -5.98 25.49 1.53
C MET A 580 -7.43 25.02 1.47
N SER A 581 -7.77 23.85 2.03
CA SER A 581 -9.17 23.32 2.01
C SER A 581 -9.76 23.28 3.42
N ALA A 582 -9.19 23.99 4.38
CA ALA A 582 -9.77 24.17 5.74
C ALA A 582 -11.00 25.09 5.68
N LYS A 583 -12.03 24.77 6.46
CA LYS A 583 -13.21 25.63 6.71
C LYS A 583 -12.73 27.08 6.99
N SER A 584 -11.72 27.25 7.84
CA SER A 584 -11.02 28.54 8.03
C SER A 584 -9.64 28.49 7.36
N SER A 585 -9.60 28.63 6.03
CA SER A 585 -8.40 28.54 5.16
C SER A 585 -7.59 29.82 5.35
N PRO A 586 -6.25 29.78 5.22
CA PRO A 586 -5.50 28.53 5.18
C PRO A 586 -5.19 28.08 6.63
N ASP A 587 -5.13 26.77 6.89
CA ASP A 587 -4.60 26.21 8.16
C ASP A 587 -3.09 26.50 8.28
N LYS A 588 -2.70 27.25 9.32
CA LYS A 588 -1.29 27.71 9.51
C LYS A 588 -0.35 26.52 9.76
N THR A 589 -0.69 25.66 10.73
CA THR A 589 0.07 24.44 11.02
C THR A 589 0.41 23.78 9.68
N LEU A 590 -0.58 23.36 8.91
CA LEU A 590 -0.38 22.54 7.70
C LEU A 590 0.45 23.34 6.67
N ALA A 591 0.18 24.65 6.57
CA ALA A 591 0.91 25.56 5.67
C ALA A 591 2.41 25.61 6.08
N SER A 592 2.72 25.71 7.38
CA SER A 592 4.12 25.80 7.86
C SER A 592 4.84 24.48 7.57
N ILE A 593 4.15 23.36 7.76
CA ILE A 593 4.69 22.04 7.33
C ILE A 593 4.95 22.10 5.82
N TYR A 594 4.01 22.60 5.01
CA TYR A 594 4.18 22.60 3.53
C TYR A 594 5.46 23.35 3.16
N LEU A 595 5.66 24.52 3.76
CA LEU A 595 6.84 25.39 3.51
C LEU A 595 8.12 24.66 3.93
N ALA A 596 8.11 24.03 5.12
CA ALA A 596 9.27 23.28 5.67
C ALA A 596 9.60 22.11 4.74
N ILE A 597 8.62 21.32 4.32
CA ILE A 597 8.87 20.07 3.55
C ILE A 597 9.30 20.39 2.11
N SER A 598 8.70 21.39 1.48
CA SER A 598 8.87 21.76 0.05
C SER A 598 10.07 22.70 -0.10
N ASP A 599 10.67 23.06 1.04
CA ASP A 599 11.93 23.83 1.08
C ASP A 599 11.71 25.29 0.59
N LYS A 600 10.72 25.97 1.20
CA LYS A 600 10.26 27.33 0.82
C LYS A 600 10.32 28.28 2.03
N THR A 601 10.64 29.54 1.74
CA THR A 601 10.94 30.58 2.76
C THR A 601 9.65 31.29 3.21
N GLN A 602 9.74 31.94 4.35
CA GLN A 602 8.64 32.80 4.80
C GLN A 602 8.24 33.75 3.67
N ASN A 603 9.21 34.34 2.96
CA ASN A 603 9.05 35.28 1.82
C ASN A 603 8.13 34.70 0.73
N GLU A 604 8.21 33.40 0.49
CA GLU A 604 7.46 32.75 -0.60
C GLU A 604 6.00 32.50 -0.19
N SER A 605 5.62 32.67 1.09
CA SER A 605 4.36 32.12 1.64
C SER A 605 3.11 32.91 1.22
N THR A 606 3.22 34.24 1.14
CA THR A 606 2.14 35.20 0.88
C THR A 606 1.52 34.93 -0.49
N ALA A 607 2.33 34.75 -1.52
CA ALA A 607 1.85 34.40 -2.88
C ALA A 607 1.05 33.10 -2.82
N ILE A 608 1.64 32.04 -2.27
CA ILE A 608 1.08 30.65 -2.20
C ILE A 608 -0.22 30.61 -1.38
N PHE A 609 -0.19 31.09 -0.12
CA PHE A 609 -1.25 30.96 0.92
C PHE A 609 -2.00 32.26 1.17
N GLY A 610 -1.49 33.39 0.69
CA GLY A 610 -2.24 34.66 0.78
C GLY A 610 -2.15 35.29 2.16
N GLU A 611 -1.19 34.90 2.96
CA GLU A 611 -0.75 35.67 4.14
C GLU A 611 0.61 35.11 4.47
N THR A 612 1.42 35.88 5.21
CA THR A 612 2.78 35.51 5.68
C THR A 612 2.68 34.39 6.71
N ILE A 613 3.33 33.24 6.45
CA ILE A 613 3.46 32.11 7.42
C ILE A 613 4.91 31.65 7.43
N THR A 614 5.55 31.63 8.62
CA THR A 614 6.89 31.08 8.93
C THR A 614 6.91 29.57 8.67
N PRO A 615 7.85 29.07 7.83
CA PRO A 615 7.99 27.63 7.63
C PRO A 615 8.16 26.97 9.01
N ALA A 616 7.59 25.77 9.15
CA ALA A 616 7.54 25.00 10.41
C ALA A 616 8.97 24.60 10.83
N SER A 617 9.31 24.86 12.10
CA SER A 617 10.54 24.33 12.75
C SER A 617 10.21 22.90 13.15
N LEU A 618 11.23 22.04 13.26
CA LEU A 618 11.04 20.57 13.41
C LEU A 618 10.37 20.33 14.76
N PRO A 619 9.34 19.45 14.77
CA PRO A 619 8.63 19.15 16.01
C PRO A 619 9.62 18.81 17.13
N GLN A 620 9.32 19.25 18.37
CA GLN A 620 10.10 19.00 19.61
C GLN A 620 9.26 18.24 20.64
N GLY A 621 9.90 17.31 21.35
CA GLY A 621 9.32 16.55 22.49
C GLY A 621 9.07 15.12 22.09
N PHE A 622 8.02 14.51 22.66
CA PHE A 622 7.71 13.06 22.50
C PHE A 622 6.24 12.85 22.15
N TYR A 623 6.00 11.98 21.17
CA TYR A 623 4.69 11.60 20.60
C TYR A 623 4.51 10.08 20.59
N ALA A 624 3.56 9.55 21.34
CA ALA A 624 3.27 8.10 21.37
C ALA A 624 2.42 7.72 20.16
N PHE A 625 2.68 6.55 19.57
CA PHE A 625 1.93 6.04 18.37
C PHE A 625 1.71 4.52 18.47
N ASN A 626 0.91 4.11 19.45
CA ASN A 626 0.74 2.68 19.81
C ASN A 626 -0.02 1.94 18.71
N GLY A 627 -0.35 2.56 17.60
CA GLY A 627 -0.95 1.83 16.45
C GLY A 627 0.11 1.07 15.65
N GLY A 628 1.41 1.39 15.85
CA GLY A 628 2.55 0.55 15.40
C GLY A 628 3.50 0.27 16.55
N ALA A 629 2.98 0.36 17.78
CA ALA A 629 3.63 0.18 19.09
C ALA A 629 4.96 0.93 19.13
N PHE A 630 4.90 2.23 18.76
CA PHE A 630 6.08 3.11 18.63
C PHE A 630 5.81 4.50 19.25
N GLY A 631 6.88 5.28 19.34
CA GLY A 631 6.92 6.63 19.91
C GLY A 631 8.00 7.42 19.20
N ILE A 632 7.92 8.74 19.13
CA ILE A 632 9.00 9.54 18.50
C ILE A 632 9.48 10.56 19.51
N HIS A 633 10.80 10.52 19.77
CA HIS A 633 11.53 11.58 20.51
C HIS A 633 12.23 12.48 19.48
N ARG A 634 12.00 13.79 19.63
CA ARG A 634 12.57 14.85 18.77
C ARG A 634 13.27 15.85 19.67
N TRP A 635 14.51 16.09 19.31
CA TRP A 635 15.36 17.14 19.91
C TRP A 635 16.24 17.70 18.80
N GLN A 636 16.31 19.02 18.74
CA GLN A 636 17.07 19.72 17.67
C GLN A 636 16.64 19.08 16.36
N ASP A 637 17.56 18.59 15.54
CA ASP A 637 17.23 18.15 14.17
C ASP A 637 17.14 16.62 14.17
N LYS A 638 17.06 16.01 15.36
CA LYS A 638 17.05 14.52 15.49
C LYS A 638 15.68 13.99 15.95
N MET A 639 15.33 12.88 15.32
CA MET A 639 14.17 11.99 15.58
C MET A 639 14.71 10.61 15.97
N VAL A 640 14.20 10.08 17.08
CA VAL A 640 14.44 8.68 17.50
C VAL A 640 13.11 7.95 17.35
N THR A 641 13.08 6.96 16.47
CA THR A 641 11.95 6.02 16.31
C THR A 641 12.12 4.86 17.31
N LEU A 642 11.40 4.89 18.44
CA LEU A 642 11.34 3.74 19.38
C LEU A 642 10.21 2.81 18.96
N LYS A 643 10.49 1.55 18.60
CA LYS A 643 9.45 0.60 18.12
C LYS A 643 9.51 -0.71 18.90
N ALA A 644 8.33 -1.22 19.28
CA ALA A 644 8.06 -2.55 19.87
C ALA A 644 7.07 -3.25 18.95
N TYR A 645 6.46 -4.35 19.41
CA TYR A 645 5.32 -5.03 18.72
C TYR A 645 4.56 -5.86 19.76
N ASN A 646 3.54 -6.62 19.32
CA ASN A 646 2.52 -7.21 20.22
C ASN A 646 1.48 -7.95 19.37
N THR A 647 0.40 -8.44 20.01
CA THR A 647 -0.67 -9.30 19.40
C THR A 647 -1.21 -8.60 18.17
N ASN A 648 -1.30 -7.26 18.24
CA ASN A 648 -2.04 -6.41 17.27
C ASN A 648 -1.09 -5.68 16.32
N VAL A 649 0.23 -5.75 16.53
CA VAL A 649 1.22 -5.03 15.69
C VAL A 649 2.23 -6.03 15.20
N TRP A 650 2.28 -6.28 13.89
CA TRP A 650 3.31 -7.23 13.43
C TRP A 650 4.68 -6.59 13.64
N SER A 651 5.65 -7.45 13.92
CA SER A 651 7.06 -7.07 14.09
C SER A 651 7.53 -6.50 12.76
N SER A 652 7.08 -7.12 11.68
CA SER A 652 7.68 -6.98 10.33
C SER A 652 6.75 -7.53 9.26
N GLU A 653 6.90 -7.03 8.04
CA GLU A 653 6.32 -7.66 6.82
C GLU A 653 7.46 -8.25 6.02
N ILE A 654 7.38 -9.56 5.83
CA ILE A 654 8.33 -10.39 5.06
C ILE A 654 7.51 -11.16 4.04
N TYR A 655 7.83 -10.96 2.78
CA TYR A 655 7.19 -11.60 1.61
C TYR A 655 8.27 -12.46 0.95
N ASN A 656 7.86 -13.25 -0.02
CA ASN A 656 8.73 -14.12 -0.87
C ASN A 656 10.02 -13.38 -1.21
N LYS A 657 9.92 -12.11 -1.58
CA LYS A 657 11.10 -11.32 -2.01
C LYS A 657 11.09 -9.91 -1.41
N ASP A 658 10.78 -9.78 -0.12
CA ASP A 658 10.92 -8.48 0.59
C ASP A 658 11.21 -8.75 2.05
N ASN A 659 12.26 -8.13 2.57
CA ASN A 659 12.51 -8.01 4.04
C ASN A 659 12.83 -9.39 4.66
N ARG A 660 13.40 -10.30 3.85
CA ARG A 660 13.79 -11.67 4.29
C ARG A 660 14.44 -11.64 5.68
N TYR A 661 15.36 -10.67 5.92
CA TYR A 661 16.16 -10.58 7.15
C TYR A 661 15.53 -9.60 8.15
N GLY A 662 14.22 -9.46 8.08
CA GLY A 662 13.48 -8.40 8.80
C GLY A 662 13.17 -8.70 10.24
N ARG A 663 13.49 -9.89 10.72
CA ARG A 663 12.91 -10.47 11.97
C ARG A 663 13.02 -9.45 13.11
N TYR A 664 14.04 -8.60 13.10
CA TYR A 664 14.30 -7.75 14.29
C TYR A 664 13.85 -6.29 14.08
N GLN A 665 13.06 -6.00 13.06
CA GLN A 665 12.59 -4.63 12.69
C GLN A 665 12.01 -3.87 13.90
N SER A 666 11.34 -4.54 14.83
CA SER A 666 10.63 -3.91 15.96
C SER A 666 11.07 -4.46 17.33
N HIS A 667 12.30 -4.99 17.49
CA HIS A 667 12.79 -5.69 18.72
C HIS A 667 13.30 -4.69 19.78
N GLY A 668 12.50 -3.69 20.13
CA GLY A 668 12.90 -2.66 21.13
C GLY A 668 13.94 -1.65 20.59
N VAL A 669 13.82 -1.40 19.28
CA VAL A 669 14.72 -0.56 18.45
C VAL A 669 14.48 0.91 18.79
N ALA A 670 15.46 1.74 18.42
CA ALA A 670 15.60 3.17 18.77
C ALA A 670 16.59 3.79 17.78
N GLN A 671 16.23 3.81 16.50
CA GLN A 671 17.03 4.38 15.37
C GLN A 671 17.02 5.90 15.51
N ILE A 672 18.22 6.49 15.59
CA ILE A 672 18.47 7.96 15.69
C ILE A 672 18.73 8.45 14.27
N VAL A 673 17.87 9.35 13.77
CA VAL A 673 18.00 9.97 12.41
C VAL A 673 18.02 11.49 12.54
N SER A 674 19.08 12.12 12.06
CA SER A 674 19.17 13.60 11.99
C SER A 674 18.41 14.01 10.73
N ASN A 675 17.91 15.24 10.67
CA ASN A 675 17.15 15.71 9.47
C ASN A 675 17.94 15.54 8.18
N GLY A 676 17.44 14.72 7.26
CA GLY A 676 18.01 14.50 5.93
C GLY A 676 18.06 13.02 5.61
N SER A 677 18.76 12.73 4.53
CA SER A 677 19.03 11.39 3.99
C SER A 677 19.61 10.48 5.09
N GLN A 678 19.01 9.30 5.28
CA GLN A 678 19.49 8.24 6.22
C GLN A 678 20.72 7.59 5.60
N LEU A 679 20.74 7.34 4.30
CA LEU A 679 21.94 6.80 3.64
C LEU A 679 23.20 7.66 3.94
N SER A 680 23.12 8.99 3.89
CA SER A 680 24.21 9.95 4.24
C SER A 680 24.66 9.74 5.67
N GLN A 681 23.75 9.34 6.54
CA GLN A 681 24.02 9.13 7.98
C GLN A 681 24.48 7.66 8.19
N GLY A 682 24.77 6.96 7.09
CA GLY A 682 25.33 5.60 7.07
C GLY A 682 24.29 4.50 7.30
N TYR A 683 22.99 4.73 7.07
CA TYR A 683 22.00 3.62 7.01
C TYR A 683 22.05 3.07 5.59
N GLN A 684 23.13 2.35 5.30
CA GLN A 684 23.51 1.70 4.01
C GLN A 684 23.10 0.22 4.09
N GLN A 685 22.44 -0.33 3.07
CA GLN A 685 21.94 -1.73 3.09
C GLN A 685 23.10 -2.68 2.77
N GLU A 686 24.03 -2.23 1.95
CA GLU A 686 25.19 -3.05 1.52
C GLU A 686 26.06 -3.41 2.74
N GLY A 687 26.04 -4.67 3.15
CA GLY A 687 26.88 -5.13 4.28
C GLY A 687 26.26 -4.83 5.63
N TRP A 688 25.05 -4.29 5.65
CA TRP A 688 24.32 -4.07 6.92
C TRP A 688 24.14 -5.40 7.66
N ASP A 689 24.48 -5.39 8.94
CA ASP A 689 24.34 -6.55 9.83
C ASP A 689 22.92 -6.50 10.40
N TRP A 690 22.03 -7.28 9.78
CA TRP A 690 20.56 -7.31 10.01
C TRP A 690 20.23 -7.72 11.44
N ASN A 691 21.18 -8.33 12.13
CA ASN A 691 21.06 -8.74 13.55
C ASN A 691 21.07 -7.52 14.47
N ARG A 692 21.71 -6.43 14.01
CA ARG A 692 22.14 -5.27 14.85
C ARG A 692 21.40 -4.03 14.36
N MET A 693 20.07 -4.04 14.57
CA MET A 693 19.20 -2.86 14.42
C MET A 693 19.43 -2.00 15.64
N GLN A 694 19.75 -0.73 15.49
CA GLN A 694 20.06 0.13 16.66
C GLN A 694 19.00 -0.08 17.76
N GLY A 695 19.41 -0.27 19.02
CA GLY A 695 18.53 -0.31 20.21
C GLY A 695 18.11 -1.74 20.61
N ALA A 696 18.17 -2.64 19.62
CA ALA A 696 17.54 -3.95 19.60
C ALA A 696 18.33 -4.95 20.46
N THR A 697 17.59 -5.77 21.24
CA THR A 697 18.08 -7.03 21.82
C THR A 697 17.71 -8.18 20.87
N THR A 698 18.70 -8.85 20.32
CA THR A 698 18.53 -9.93 19.33
C THR A 698 19.42 -11.15 19.66
N ILE A 699 19.17 -12.26 19.01
CA ILE A 699 20.14 -13.39 18.90
C ILE A 699 20.82 -13.17 17.57
N HIS A 700 22.15 -13.23 17.54
CA HIS A 700 22.97 -12.94 16.34
C HIS A 700 23.02 -14.18 15.46
N LEU A 701 22.10 -14.36 14.55
CA LEU A 701 22.05 -15.61 13.79
C LEU A 701 22.86 -15.42 12.53
N PRO A 702 23.28 -16.50 11.88
CA PRO A 702 23.61 -16.44 10.48
C PRO A 702 22.35 -16.11 9.68
N LEU A 703 22.54 -15.65 8.45
CA LEU A 703 21.45 -15.16 7.59
C LEU A 703 20.59 -16.35 7.15
N LYS A 704 21.16 -17.49 6.81
CA LYS A 704 20.34 -18.69 6.48
C LYS A 704 19.27 -18.93 7.57
N ASP A 705 19.52 -18.53 8.83
CA ASP A 705 18.66 -18.80 10.00
C ASP A 705 17.91 -17.54 10.47
N LEU A 706 18.47 -16.35 10.25
CA LEU A 706 17.70 -15.11 10.50
C LEU A 706 16.61 -15.01 9.42
N ASP A 707 16.85 -15.47 8.18
CA ASP A 707 15.84 -15.55 7.08
C ASP A 707 14.53 -16.05 7.67
N SER A 708 13.42 -15.51 7.23
CA SER A 708 12.08 -15.98 7.66
C SER A 708 11.92 -17.46 7.31
N PRO A 709 11.37 -18.23 8.27
CA PRO A 709 11.02 -19.65 8.05
C PRO A 709 10.00 -19.89 6.91
N LYS A 710 8.91 -19.09 6.87
CA LYS A 710 7.91 -19.14 5.77
C LYS A 710 8.54 -18.58 4.49
N PRO A 711 8.57 -19.38 3.40
CA PRO A 711 9.21 -18.97 2.15
C PRO A 711 8.46 -17.85 1.39
N HIS A 712 7.16 -17.72 1.65
CA HIS A 712 6.33 -16.61 1.12
C HIS A 712 6.18 -15.58 2.25
N THR A 713 5.03 -15.50 2.90
CA THR A 713 4.63 -14.34 3.74
C THR A 713 4.58 -14.71 5.22
N LEU A 714 5.24 -13.91 6.04
CA LEU A 714 5.12 -13.91 7.51
C LEU A 714 5.03 -12.46 7.97
N MET A 715 4.08 -12.22 8.87
CA MET A 715 3.89 -10.97 9.59
C MET A 715 3.69 -11.37 11.06
N GLN A 716 4.81 -11.65 11.72
CA GLN A 716 4.86 -12.25 13.06
C GLN A 716 4.34 -11.23 14.08
N ARG A 717 3.25 -11.59 14.74
CA ARG A 717 2.60 -10.74 15.75
C ARG A 717 3.20 -11.15 17.09
N GLY A 718 3.13 -10.27 18.08
CA GLY A 718 3.64 -10.58 19.43
C GLY A 718 2.82 -11.59 20.22
N GLU A 719 3.29 -11.89 21.43
CA GLU A 719 2.77 -12.95 22.32
C GLU A 719 1.87 -12.31 23.39
N ARG A 720 1.87 -10.99 23.49
CA ARG A 720 0.88 -10.39 24.42
C ARG A 720 0.44 -9.02 23.90
N GLY A 721 -0.54 -8.42 24.57
CA GLY A 721 -1.14 -7.15 24.09
C GLY A 721 -0.19 -5.99 24.36
N PHE A 722 0.41 -6.02 25.54
CA PHE A 722 1.21 -4.92 26.13
C PHE A 722 2.63 -4.90 25.55
N SER A 723 2.87 -3.92 24.67
CA SER A 723 4.19 -3.29 24.38
C SER A 723 3.97 -2.02 23.57
N GLY A 724 4.78 -1.01 23.79
CA GLY A 724 4.67 0.27 23.04
C GLY A 724 5.11 1.44 23.89
N THR A 725 4.59 2.64 23.64
CA THR A 725 5.08 3.83 24.34
C THR A 725 3.94 4.60 25.03
N SER A 726 4.34 5.62 25.78
CA SER A 726 3.47 6.62 26.43
C SER A 726 4.22 7.95 26.57
N SER A 727 3.49 9.06 26.64
CA SER A 727 4.04 10.42 26.57
C SER A 727 3.63 11.20 27.81
N LEU A 728 4.37 12.23 28.13
CA LEU A 728 4.06 13.13 29.26
C LEU A 728 4.33 14.59 28.81
N GLU A 729 3.33 15.47 28.88
CA GLU A 729 3.48 16.93 28.59
C GLU A 729 3.95 17.12 27.13
N GLY A 730 3.83 16.10 26.27
CA GLY A 730 4.27 16.12 24.86
C GLY A 730 5.77 16.33 24.74
N GLN A 731 6.50 16.32 25.86
CA GLN A 731 7.97 16.57 25.92
C GLN A 731 8.76 15.26 26.14
N TYR A 732 8.12 14.19 26.65
CA TYR A 732 8.79 13.05 27.33
C TYR A 732 8.12 11.71 27.04
N GLY A 733 8.92 10.66 26.84
CA GLY A 733 8.35 9.35 26.52
C GLY A 733 8.97 8.22 27.30
N MET A 734 8.25 7.11 27.44
CA MET A 734 8.84 5.83 27.91
C MET A 734 8.43 4.72 26.94
N MET A 735 9.37 3.93 26.43
CA MET A 735 8.99 2.66 25.76
C MET A 735 8.91 1.61 26.87
N ALA A 736 7.98 0.67 26.77
CA ALA A 736 7.99 -0.62 27.52
C ALA A 736 7.85 -1.77 26.52
N PHE A 737 8.83 -2.67 26.40
CA PHE A 737 8.82 -3.81 25.42
C PHE A 737 9.08 -5.09 26.19
N ASP A 738 8.08 -5.97 26.17
CA ASP A 738 8.15 -7.36 26.69
C ASP A 738 8.42 -8.26 25.48
N LEU A 739 9.67 -8.73 25.33
CA LEU A 739 10.18 -9.54 24.18
C LEU A 739 9.83 -10.99 24.52
N ILE A 740 9.02 -11.63 23.71
CA ILE A 740 8.56 -13.00 23.98
C ILE A 740 8.46 -13.64 22.61
N TYR A 741 8.89 -14.87 22.49
CA TYR A 741 8.94 -15.51 21.18
C TYR A 741 7.87 -16.58 21.22
N PRO A 742 7.42 -17.00 20.03
CA PRO A 742 6.44 -18.08 19.90
C PRO A 742 6.93 -19.39 20.54
N ALA A 743 5.99 -20.20 21.02
CA ALA A 743 6.26 -21.45 21.78
C ALA A 743 6.91 -22.49 20.87
N ASN A 744 6.64 -22.47 19.56
CA ASN A 744 7.29 -23.38 18.61
C ASN A 744 7.10 -22.86 17.19
N LEU A 745 7.87 -21.84 16.79
CA LEU A 745 8.07 -21.45 15.37
C LEU A 745 9.54 -21.70 15.01
N GLU A 746 9.75 -22.31 13.84
CA GLU A 746 11.07 -22.69 13.28
C GLU A 746 11.96 -21.43 13.26
N ARG A 747 13.22 -21.57 13.68
CA ARG A 747 14.33 -20.58 13.69
C ARG A 747 14.14 -19.61 14.87
N PHE A 748 13.06 -19.76 15.63
CA PHE A 748 12.76 -18.80 16.73
C PHE A 748 12.97 -19.49 18.08
N ASP A 749 14.00 -19.10 18.79
CA ASP A 749 14.29 -19.63 20.12
C ASP A 749 13.09 -19.37 21.04
N PRO A 750 12.27 -20.40 21.37
CA PRO A 750 11.14 -20.22 22.27
C PRO A 750 11.46 -19.59 23.63
N ASN A 751 12.70 -19.65 24.12
CA ASN A 751 13.01 -19.17 25.49
C ASN A 751 13.68 -17.80 25.46
N PHE A 752 13.85 -17.23 24.26
CA PHE A 752 14.40 -15.87 24.11
C PHE A 752 13.43 -14.86 24.73
N THR A 753 13.92 -14.05 25.66
CA THR A 753 13.11 -13.03 26.36
C THR A 753 14.00 -11.86 26.73
N ALA A 754 13.35 -10.73 26.94
CA ALA A 754 13.91 -9.47 27.45
C ALA A 754 12.72 -8.61 27.89
N LYS A 755 12.97 -7.83 28.94
CA LYS A 755 12.21 -6.63 29.30
C LYS A 755 13.15 -5.47 28.96
N LYS A 756 12.81 -4.67 27.94
CA LYS A 756 13.60 -3.48 27.47
C LYS A 756 12.71 -2.26 27.65
N SER A 757 13.16 -1.35 28.50
CA SER A 757 12.50 -0.05 28.77
C SER A 757 13.44 1.09 28.33
N VAL A 758 12.85 2.21 27.90
CA VAL A 758 13.54 3.46 27.43
C VAL A 758 12.73 4.66 27.96
N LEU A 759 13.38 5.65 28.58
CA LEU A 759 12.81 6.94 29.06
C LEU A 759 13.53 8.09 28.36
N ALA A 760 12.79 8.79 27.51
CA ALA A 760 13.27 9.87 26.63
C ALA A 760 12.84 11.23 27.19
N ALA A 761 13.80 12.14 27.32
CA ALA A 761 13.61 13.52 27.80
C ALA A 761 14.71 14.37 27.19
N ASP A 762 14.32 15.49 26.57
CA ASP A 762 15.26 16.57 26.18
C ASP A 762 16.32 15.94 25.27
N ASN A 763 17.61 16.13 25.55
CA ASN A 763 18.76 15.69 24.69
C ASN A 763 19.19 14.23 24.90
N HIS A 764 18.59 13.50 25.86
CA HIS A 764 19.04 12.14 26.25
C HIS A 764 17.92 11.09 26.27
N LEU A 765 18.33 9.84 26.40
CA LEU A 765 17.48 8.65 26.60
C LEU A 765 18.24 7.68 27.52
N ILE A 766 17.56 7.14 28.52
CA ILE A 766 18.04 6.06 29.43
C ILE A 766 17.45 4.74 28.88
N PHE A 767 18.31 3.78 28.55
CA PHE A 767 17.92 2.43 28.07
C PHE A 767 18.19 1.42 29.18
N ILE A 768 17.22 0.59 29.56
CA ILE A 768 17.53 -0.50 30.52
C ILE A 768 16.95 -1.82 30.02
N GLY A 769 17.46 -2.88 30.65
CA GLY A 769 17.17 -4.28 30.33
C GLY A 769 17.35 -5.16 31.54
N SER A 770 16.55 -6.21 31.58
CA SER A 770 16.34 -7.07 32.75
C SER A 770 15.73 -8.33 32.20
N ASN A 771 16.05 -9.49 32.80
CA ASN A 771 15.32 -10.75 32.61
C ASN A 771 15.55 -11.20 31.17
N ILE A 772 16.79 -11.02 30.70
CA ILE A 772 17.25 -11.41 29.34
C ILE A 772 17.72 -12.86 29.42
N ASN A 773 17.21 -13.71 28.53
CA ASN A 773 17.34 -15.20 28.62
C ASN A 773 17.28 -15.76 27.20
N SER A 774 17.89 -16.93 26.97
CA SER A 774 17.79 -17.77 25.74
C SER A 774 17.83 -19.25 26.17
N SER A 775 17.68 -20.16 25.19
CA SER A 775 17.81 -21.64 25.29
C SER A 775 19.29 -22.02 25.51
N ASP A 776 20.20 -21.09 25.22
CA ASP A 776 21.67 -21.31 25.08
C ASP A 776 22.46 -20.35 25.98
N LYS A 777 21.95 -20.05 27.18
CA LYS A 777 22.67 -19.26 28.21
C LYS A 777 23.23 -17.96 27.59
N ASN A 778 22.47 -17.33 26.69
CA ASN A 778 22.64 -15.93 26.23
C ASN A 778 23.79 -15.87 25.23
N LYS A 779 24.07 -17.03 24.65
CA LYS A 779 25.11 -17.22 23.62
C LYS A 779 24.65 -16.38 22.43
N ASN A 780 25.47 -15.42 21.99
CA ASN A 780 25.20 -14.50 20.85
C ASN A 780 23.99 -13.57 21.12
N VAL A 781 23.56 -13.39 22.37
CA VAL A 781 22.47 -12.41 22.68
C VAL A 781 23.13 -11.05 22.91
N GLU A 782 22.87 -10.08 22.02
CA GLU A 782 23.44 -8.71 21.99
C GLU A 782 22.33 -7.66 22.05
N THR A 783 22.56 -6.53 22.71
CA THR A 783 21.78 -5.27 22.56
C THR A 783 22.64 -4.27 21.78
N THR A 784 22.22 -3.86 20.58
CA THR A 784 23.01 -3.01 19.65
C THR A 784 22.93 -1.54 20.13
N LEU A 785 24.04 -0.88 20.36
CA LEU A 785 24.02 0.57 20.70
C LEU A 785 23.84 1.37 19.40
N PHE A 786 24.62 1.06 18.38
CA PHE A 786 24.46 1.66 17.04
C PHE A 786 25.16 0.82 15.98
N GLN A 787 24.89 1.11 14.73
CA GLN A 787 25.56 0.57 13.53
C GLN A 787 25.43 1.64 12.45
N HIS A 788 26.51 1.98 11.78
CA HIS A 788 26.42 2.93 10.64
C HIS A 788 27.59 2.69 9.72
N ALA A 789 27.40 2.92 8.42
CA ALA A 789 28.46 2.79 7.42
C ALA A 789 29.63 3.71 7.83
N ILE A 790 30.81 3.31 7.40
CA ILE A 790 32.03 4.16 7.39
C ILE A 790 32.14 4.73 5.98
N THR A 791 32.25 6.05 5.93
CA THR A 791 32.53 6.84 4.71
C THR A 791 33.53 7.93 5.06
N PRO A 792 34.09 8.61 4.03
CA PRO A 792 34.96 9.77 4.25
C PRO A 792 34.30 10.88 5.09
N THR A 793 32.96 10.90 5.12
CA THR A 793 32.14 11.90 5.86
C THR A 793 31.80 11.30 7.24
N LEU A 794 31.63 9.97 7.34
CA LEU A 794 31.31 9.24 8.60
C LEU A 794 32.50 8.35 9.03
N ASN A 795 33.55 8.99 9.52
CA ASN A 795 34.93 8.46 9.50
C ASN A 795 35.44 8.18 10.90
N THR A 796 34.79 8.83 11.88
CA THR A 796 35.29 9.17 13.22
C THR A 796 34.41 8.47 14.27
N LEU A 797 34.96 7.59 15.10
CA LEU A 797 34.35 7.15 16.41
C LEU A 797 35.13 7.79 17.55
N TRP A 798 34.48 8.20 18.65
CA TRP A 798 35.17 8.62 19.90
C TRP A 798 34.98 7.54 20.95
N ILE A 799 36.04 7.18 21.67
CA ILE A 799 36.03 6.28 22.85
C ILE A 799 36.88 6.93 23.95
N ASN A 800 36.25 7.27 25.08
CA ASN A 800 36.89 7.89 26.29
C ASN A 800 37.90 8.97 25.85
N GLY A 801 37.48 9.91 25.01
CA GLY A 801 38.31 11.06 24.65
C GLY A 801 39.21 10.77 23.46
N GLN A 802 39.17 9.58 22.85
CA GLN A 802 40.17 9.21 21.81
C GLN A 802 39.46 9.04 20.46
N LYS A 803 39.99 9.67 19.43
CA LYS A 803 39.53 9.50 18.03
C LYS A 803 40.01 8.14 17.57
N ILE A 804 39.19 7.38 16.88
CA ILE A 804 39.55 6.05 16.31
C ILE A 804 39.10 6.00 14.85
N GLU A 805 40.02 6.04 13.87
CA GLU A 805 39.70 6.18 12.42
C GLU A 805 40.23 4.94 11.71
N ASN A 806 40.55 3.94 12.50
CA ASN A 806 41.29 2.75 12.08
C ASN A 806 40.29 1.77 11.45
N MET A 807 40.69 1.03 10.42
CA MET A 807 39.85 -0.01 9.78
C MET A 807 40.71 -1.21 9.42
N PRO A 808 40.62 -2.38 10.09
CA PRO A 808 39.65 -2.64 11.16
C PRO A 808 40.06 -2.09 12.53
N TYR A 809 39.19 -2.27 13.53
CA TYR A 809 39.43 -1.94 14.95
C TYR A 809 38.41 -2.67 15.82
N GLN A 810 38.84 -3.37 16.87
CA GLN A 810 37.92 -3.97 17.86
C GLN A 810 38.39 -3.52 19.23
N THR A 811 37.53 -3.31 20.18
CA THR A 811 37.93 -3.23 21.59
C THR A 811 36.67 -3.58 22.35
N THR A 812 36.74 -3.60 23.67
CA THR A 812 35.60 -3.96 24.53
C THR A 812 35.56 -2.91 25.62
N LEU A 813 34.39 -2.60 26.13
CA LEU A 813 34.22 -1.53 27.13
C LEU A 813 33.38 -2.10 28.26
N GLN A 814 33.27 -1.33 29.32
CA GLN A 814 32.46 -1.69 30.49
C GLN A 814 31.94 -0.42 31.12
N GLN A 815 31.26 -0.56 32.27
CA GLN A 815 30.67 0.54 33.05
C GLN A 815 31.67 1.71 33.07
N GLY A 816 31.18 2.94 32.94
CA GLY A 816 31.97 4.18 33.05
C GLY A 816 32.63 4.57 31.74
N ASP A 817 32.76 3.65 30.78
CA ASP A 817 33.25 3.93 29.40
C ASP A 817 32.19 4.67 28.56
N TRP A 818 32.61 5.39 27.52
CA TRP A 818 31.68 6.08 26.60
C TRP A 818 32.18 6.17 25.15
N LEU A 819 31.27 6.29 24.20
CA LEU A 819 31.59 6.49 22.77
C LEU A 819 30.75 7.63 22.19
N ILE A 820 31.15 8.11 21.01
CA ILE A 820 30.31 8.98 20.15
C ILE A 820 30.39 8.36 18.75
N ASP A 821 29.29 8.20 18.03
CA ASP A 821 29.31 7.66 16.64
C ASP A 821 29.55 8.83 15.66
N SER A 822 29.61 8.59 14.35
CA SER A 822 29.96 9.61 13.36
C SER A 822 28.78 10.58 13.15
N ASN A 823 27.62 10.34 13.78
CA ASN A 823 26.40 11.18 13.68
C ASN A 823 26.23 12.01 14.97
N GLY A 824 27.19 11.93 15.89
CA GLY A 824 27.27 12.83 17.06
C GLY A 824 26.34 12.38 18.17
N ASN A 825 25.97 11.10 18.16
CA ASN A 825 25.31 10.40 19.30
C ASN A 825 26.36 9.75 20.20
N GLY A 826 26.33 10.13 21.48
CA GLY A 826 27.19 9.59 22.55
C GLY A 826 26.43 8.58 23.39
N TYR A 827 27.05 7.45 23.65
CA TYR A 827 26.59 6.34 24.52
C TYR A 827 27.51 6.29 25.74
N LEU A 828 27.02 6.64 26.92
CA LEU A 828 27.67 6.32 28.22
C LEU A 828 27.17 4.96 28.68
N ILE A 829 28.09 4.06 29.06
CA ILE A 829 27.73 2.68 29.52
C ILE A 829 27.65 2.75 31.04
N THR A 830 26.46 2.51 31.62
CA THR A 830 26.16 2.76 33.06
C THR A 830 25.93 1.46 33.86
N GLN A 831 25.88 0.30 33.20
CA GLN A 831 25.75 -1.04 33.83
C GLN A 831 25.86 -2.06 32.70
N ALA A 832 27.06 -2.57 32.48
CA ALA A 832 27.24 -3.71 31.54
C ALA A 832 28.60 -4.29 31.84
N GLU A 833 28.78 -5.54 31.47
CA GLU A 833 30.05 -6.23 31.77
C GLU A 833 30.91 -6.03 30.52
N LYS A 834 30.29 -6.13 29.36
CA LYS A 834 31.04 -6.40 28.12
C LYS A 834 30.30 -5.77 26.95
N VAL A 835 30.83 -4.61 26.52
CA VAL A 835 30.36 -3.87 25.34
C VAL A 835 31.44 -3.94 24.28
N ASN A 836 31.23 -4.73 23.24
CA ASN A 836 32.12 -4.81 22.08
C ASN A 836 32.01 -3.53 21.24
N VAL A 837 33.12 -3.12 20.63
CA VAL A 837 33.17 -2.07 19.56
C VAL A 837 33.88 -2.67 18.36
N SER A 838 33.43 -2.36 17.16
CA SER A 838 33.97 -2.95 15.90
C SER A 838 33.99 -1.90 14.79
N ARG A 839 35.10 -1.75 14.10
CA ARG A 839 35.16 -1.08 12.77
C ARG A 839 35.60 -2.16 11.79
N GLN A 840 34.77 -2.60 10.87
CA GLN A 840 35.14 -3.84 10.16
C GLN A 840 34.41 -3.96 8.83
N HIS A 841 35.02 -4.66 7.87
CA HIS A 841 34.36 -5.06 6.60
C HIS A 841 33.30 -6.06 6.99
N GLN A 842 32.02 -5.83 6.70
CA GLN A 842 30.88 -6.77 6.96
C GLN A 842 30.37 -7.33 5.63
N VAL A 843 29.95 -8.57 5.65
CA VAL A 843 29.28 -9.21 4.48
C VAL A 843 27.82 -9.50 4.88
N SER A 844 26.87 -9.12 4.02
CA SER A 844 25.41 -9.21 4.29
C SER A 844 24.74 -9.70 3.02
N ALA A 845 23.41 -9.64 2.97
CA ALA A 845 22.60 -9.94 1.76
C ALA A 845 21.37 -8.99 1.71
N GLU A 846 20.97 -8.56 0.51
CA GLU A 846 19.92 -7.55 0.30
C GLU A 846 18.56 -8.25 0.45
N ASN A 847 17.55 -7.49 0.91
CA ASN A 847 16.31 -8.02 1.53
C ASN A 847 15.36 -8.53 0.46
N LYS A 848 15.65 -8.28 -0.81
CA LYS A 848 14.77 -8.69 -1.93
C LYS A 848 15.11 -10.12 -2.39
N ASN A 849 16.29 -10.33 -2.98
CA ASN A 849 16.69 -11.63 -3.61
C ASN A 849 17.88 -12.28 -2.83
N ARG A 850 18.09 -11.89 -1.57
CA ARG A 850 19.18 -12.33 -0.66
C ARG A 850 20.56 -12.35 -1.35
N GLN A 851 20.77 -11.64 -2.44
CA GLN A 851 22.10 -11.58 -3.10
C GLN A 851 23.10 -10.97 -2.12
N PRO A 852 24.38 -11.33 -2.24
CA PRO A 852 25.35 -10.91 -1.25
C PRO A 852 25.72 -9.46 -1.52
N THR A 853 25.91 -8.73 -0.42
CA THR A 853 26.48 -7.37 -0.36
C THR A 853 27.68 -7.35 0.59
N GLU A 854 28.31 -6.18 0.70
CA GLU A 854 29.42 -5.91 1.66
C GLU A 854 29.60 -4.39 1.77
N GLY A 855 30.06 -3.91 2.92
CA GLY A 855 30.65 -2.58 3.13
C GLY A 855 31.26 -2.48 4.51
N ASN A 856 31.89 -1.37 4.84
CA ASN A 856 32.61 -1.24 6.13
C ASN A 856 31.68 -0.53 7.08
N PHE A 857 31.60 -0.99 8.33
CA PHE A 857 30.64 -0.45 9.33
C PHE A 857 31.38 -0.20 10.63
N SER A 858 31.00 0.86 11.31
CA SER A 858 31.23 1.07 12.76
C SER A 858 29.99 0.57 13.49
N SER A 859 30.18 -0.17 14.59
CA SER A 859 29.12 -0.93 15.30
C SER A 859 29.53 -1.01 16.77
N ALA A 860 28.61 -1.08 17.71
CA ALA A 860 28.92 -1.38 19.12
C ALA A 860 27.73 -2.05 19.80
N TRP A 861 27.96 -3.12 20.57
CA TRP A 861 26.87 -3.94 21.15
C TRP A 861 27.26 -4.49 22.53
N ILE A 862 26.25 -4.68 23.37
CA ILE A 862 26.42 -5.40 24.67
C ILE A 862 26.38 -6.91 24.41
N ASP A 863 27.46 -7.62 24.84
CA ASP A 863 27.54 -9.11 24.86
C ASP A 863 26.98 -9.63 26.19
N HIS A 864 25.83 -10.29 26.09
CA HIS A 864 24.98 -10.71 27.23
C HIS A 864 25.35 -12.14 27.66
N SER A 865 26.22 -12.85 26.89
CA SER A 865 26.67 -14.24 27.15
C SER A 865 27.56 -14.37 28.41
N THR A 866 28.05 -13.27 28.97
CA THR A 866 28.78 -13.20 30.27
C THR A 866 27.83 -13.24 31.47
N ARG A 867 26.54 -13.38 31.21
CA ARG A 867 25.49 -13.47 32.24
C ARG A 867 24.50 -14.51 31.72
N PRO A 868 24.74 -15.81 32.01
CA PRO A 868 23.98 -16.90 31.40
C PRO A 868 22.47 -16.88 31.64
N LYS A 869 22.08 -16.33 32.80
CA LYS A 869 20.69 -16.27 33.34
C LYS A 869 20.37 -14.84 33.82
N ASP A 870 19.29 -14.23 33.29
CA ASP A 870 18.73 -12.89 33.64
C ASP A 870 19.77 -11.78 33.39
N ALA A 871 20.29 -11.73 32.16
CA ALA A 871 21.20 -10.66 31.67
C ALA A 871 20.47 -9.30 31.70
N SER A 872 21.24 -8.25 31.96
CA SER A 872 20.69 -6.89 32.12
C SER A 872 21.58 -5.90 31.37
N TYR A 873 21.18 -4.64 31.33
CA TYR A 873 22.00 -3.52 30.84
C TYR A 873 21.35 -2.24 31.31
N GLU A 874 22.14 -1.18 31.35
CA GLU A 874 21.74 0.22 31.34
C GLU A 874 22.74 0.91 30.44
N TYR A 875 22.31 1.89 29.64
CA TYR A 875 23.13 2.89 28.94
C TYR A 875 22.26 4.13 28.72
N MET A 876 22.91 5.21 28.32
CA MET A 876 22.32 6.56 28.24
C MET A 876 22.82 7.16 26.92
N VAL A 877 21.89 7.62 26.07
CA VAL A 877 22.22 8.25 24.77
C VAL A 877 22.11 9.78 24.92
N PHE A 878 23.17 10.50 24.56
CA PHE A 878 23.18 11.99 24.41
C PHE A 878 23.22 12.35 22.92
N LEU A 879 22.25 13.15 22.45
CA LEU A 879 21.96 13.40 21.01
C LEU A 879 22.74 14.63 20.53
N ASP A 880 23.17 15.46 21.47
CA ASP A 880 23.97 16.70 21.25
C ASP A 880 25.38 16.46 21.79
N ALA A 881 25.96 15.29 21.57
CA ALA A 881 27.20 14.85 22.27
C ALA A 881 28.45 15.43 21.61
N THR A 882 29.45 15.68 22.44
CA THR A 882 30.85 16.03 22.06
C THR A 882 31.81 15.46 23.11
N PRO A 883 33.09 15.25 22.75
CA PRO A 883 34.02 14.64 23.68
C PRO A 883 33.98 15.39 25.02
N GLU A 884 33.84 16.73 24.99
CA GLU A 884 33.94 17.53 26.23
C GLU A 884 32.71 17.26 27.11
N LYS A 885 31.51 17.22 26.53
CA LYS A 885 30.25 17.08 27.27
C LYS A 885 30.11 15.64 27.79
N MET A 886 30.54 14.65 27.01
CA MET A 886 30.50 13.24 27.47
C MET A 886 31.45 13.04 28.66
N GLY A 887 32.64 13.66 28.68
CA GLY A 887 33.53 13.66 29.86
C GLY A 887 32.89 14.27 31.10
N GLU A 888 32.05 15.29 30.96
CA GLU A 888 31.29 15.87 32.09
C GLU A 888 30.14 14.93 32.50
N MET A 889 29.51 14.25 31.52
CA MET A 889 28.35 13.34 31.72
C MET A 889 28.81 12.13 32.52
N ALA A 890 29.99 11.59 32.14
CA ALA A 890 30.76 10.53 32.83
C ALA A 890 31.17 11.00 34.23
N GLN A 891 31.62 12.24 34.42
CA GLN A 891 31.97 12.74 35.77
C GLN A 891 30.71 12.73 36.67
N LYS A 892 29.57 13.16 36.14
CA LYS A 892 28.25 13.21 36.86
C LYS A 892 27.78 11.78 37.19
N PHE A 893 28.07 10.83 36.30
CA PHE A 893 27.74 9.39 36.51
C PHE A 893 28.50 8.84 37.71
N ARG A 894 29.80 9.14 37.80
CA ARG A 894 30.73 8.71 38.90
C ARG A 894 30.38 9.43 40.21
N GLU A 895 29.70 10.58 40.18
CA GLU A 895 29.25 11.29 41.40
C GLU A 895 27.89 10.73 41.80
N ASN A 896 27.84 9.42 42.14
CA ASN A 896 26.67 8.76 42.79
C ASN A 896 25.54 8.57 41.77
N ASN A 897 25.86 8.48 40.48
CA ASN A 897 24.92 8.64 39.35
C ASN A 897 23.95 9.83 39.60
N GLY A 898 24.42 11.06 39.39
CA GLY A 898 23.59 12.28 39.24
C GLY A 898 22.93 12.39 37.88
N LEU A 899 23.00 11.38 37.01
CA LEU A 899 22.21 11.33 35.75
C LEU A 899 20.82 10.71 35.98
N TYR A 900 20.71 9.60 36.73
CA TYR A 900 19.41 8.92 36.91
C TYR A 900 19.55 7.77 37.89
N GLN A 901 18.42 7.29 38.37
CA GLN A 901 18.37 6.20 39.35
C GLN A 901 17.34 5.23 38.80
N VAL A 902 17.67 3.93 38.80
CA VAL A 902 16.68 2.85 38.56
C VAL A 902 16.11 2.45 39.92
N LEU A 903 14.82 2.72 40.18
CA LEU A 903 14.13 2.43 41.47
C LEU A 903 13.54 1.02 41.48
N ARG A 904 13.56 0.31 40.35
CA ARG A 904 13.04 -1.06 40.26
C ARG A 904 13.28 -1.57 38.84
N LYS A 905 13.67 -2.83 38.70
CA LYS A 905 14.09 -3.41 37.40
C LYS A 905 13.91 -4.92 37.39
N ASP A 906 12.74 -5.44 37.05
CA ASP A 906 12.43 -6.88 37.16
C ASP A 906 11.31 -7.23 36.18
N LYS A 907 10.89 -8.47 36.17
CA LYS A 907 9.84 -9.01 35.27
C LYS A 907 8.52 -8.26 35.45
N ASP A 908 8.25 -7.69 36.62
CA ASP A 908 6.96 -7.00 36.90
C ASP A 908 7.01 -5.50 36.46
N VAL A 909 7.95 -4.74 37.00
CA VAL A 909 8.02 -3.27 36.84
C VAL A 909 9.45 -2.85 36.50
N HIS A 910 9.65 -1.95 35.54
CA HIS A 910 10.85 -1.06 35.50
C HIS A 910 10.41 0.32 35.98
N ILE A 911 11.23 1.00 36.78
CA ILE A 911 11.01 2.44 37.18
C ILE A 911 12.31 3.25 36.98
N ILE A 912 12.33 4.18 36.03
CA ILE A 912 13.55 5.01 35.73
C ILE A 912 13.26 6.42 36.20
N LEU A 913 13.96 6.92 37.21
CA LEU A 913 13.92 8.35 37.58
C LEU A 913 15.05 9.02 36.78
N ASP A 914 14.71 10.00 35.90
CA ASP A 914 15.65 10.82 35.11
C ASP A 914 15.94 12.07 35.93
N LYS A 915 17.15 12.23 36.47
CA LYS A 915 17.49 13.32 37.42
C LYS A 915 17.78 14.65 36.68
N LEU A 916 18.16 14.61 35.39
CA LEU A 916 18.34 15.82 34.52
C LEU A 916 16.98 16.48 34.25
N SER A 917 15.93 15.69 33.92
CA SER A 917 14.54 16.16 33.66
C SER A 917 13.68 16.13 34.91
N ASN A 918 14.05 15.39 35.94
CA ASN A 918 13.21 15.30 37.16
C ASN A 918 11.84 14.70 36.74
N VAL A 919 11.89 13.71 35.83
CA VAL A 919 10.73 12.90 35.35
C VAL A 919 10.93 11.44 35.77
N THR A 920 9.90 10.74 36.24
CA THR A 920 9.95 9.28 36.49
C THR A 920 9.02 8.54 35.54
N GLY A 921 9.49 7.46 34.88
CA GLY A 921 8.70 6.55 34.02
C GLY A 921 8.51 5.19 34.71
N TYR A 922 7.29 4.61 34.65
CA TYR A 922 6.91 3.36 35.32
C TYR A 922 6.35 2.42 34.27
N ALA A 923 7.10 1.38 33.91
CA ALA A 923 6.64 0.37 32.94
C ALA A 923 6.09 -0.82 33.74
N PHE A 924 4.78 -0.83 33.99
CA PHE A 924 4.10 -1.97 34.65
C PHE A 924 3.92 -3.08 33.62
N TYR A 925 4.90 -3.97 33.47
CA TYR A 925 4.82 -5.21 32.67
C TYR A 925 3.73 -6.11 33.27
N GLN A 926 3.48 -5.97 34.56
CA GLN A 926 2.32 -6.63 35.21
C GLN A 926 1.73 -5.64 36.20
N PRO A 927 0.42 -5.80 36.47
CA PRO A 927 -0.22 -5.05 37.55
C PRO A 927 0.66 -5.29 38.77
N ALA A 928 0.87 -4.29 39.63
CA ALA A 928 1.63 -4.48 40.89
C ALA A 928 1.27 -3.35 41.83
N SER A 929 1.46 -3.55 43.14
CA SER A 929 1.63 -2.49 44.17
C SER A 929 3.14 -2.23 44.21
N ILE A 930 3.56 -0.98 44.34
CA ILE A 930 5.01 -0.63 44.42
C ILE A 930 5.16 0.32 45.58
N GLU A 931 6.43 0.60 45.85
CA GLU A 931 6.99 1.58 46.79
C GLU A 931 7.66 2.64 45.94
N ASP A 932 7.23 3.90 46.13
CA ASP A 932 7.61 5.06 45.29
C ASP A 932 7.20 6.30 46.07
N LYS A 933 7.71 7.50 45.75
CA LYS A 933 7.24 8.74 46.37
C LYS A 933 5.80 9.00 45.92
N TRP A 934 5.49 8.76 44.62
CA TRP A 934 4.22 9.14 43.90
C TRP A 934 3.24 7.96 43.68
N ILE A 935 3.61 6.94 42.90
CA ILE A 935 2.72 5.83 42.40
C ILE A 935 2.63 4.68 43.41
N LYS A 936 1.46 4.24 43.82
CA LYS A 936 1.39 3.13 44.80
C LYS A 936 0.96 1.84 44.14
N LYS A 937 0.07 1.86 43.16
CA LYS A 937 -0.63 0.63 42.69
C LYS A 937 -1.28 0.92 41.34
N VAL A 938 -1.12 -0.02 40.41
CA VAL A 938 -1.74 -0.07 39.06
C VAL A 938 -2.35 -1.45 38.89
N ASN A 939 -3.64 -1.50 38.55
CA ASN A 939 -4.39 -2.77 38.46
C ASN A 939 -4.36 -3.29 37.03
N LYS A 940 -3.58 -2.73 36.11
CA LYS A 940 -3.42 -3.33 34.75
C LYS A 940 -2.03 -3.10 34.20
N PRO A 941 -1.56 -3.95 33.28
CA PRO A 941 -0.34 -3.65 32.54
C PRO A 941 -0.58 -2.27 31.92
N ALA A 942 0.41 -1.38 32.03
CA ALA A 942 0.31 0.08 31.75
C ALA A 942 1.70 0.72 31.66
N ILE A 943 1.77 1.92 31.11
CA ILE A 943 2.94 2.87 31.20
C ILE A 943 2.48 4.14 31.91
N VAL A 944 3.11 4.47 33.03
CA VAL A 944 2.73 5.66 33.85
C VAL A 944 3.95 6.59 33.85
N MET A 945 3.76 7.89 33.99
CA MET A 945 4.85 8.88 34.03
C MET A 945 4.52 9.95 35.06
N THR A 946 5.52 10.47 35.77
CA THR A 946 5.34 11.59 36.73
C THR A 946 6.38 12.68 36.46
N HIS A 947 5.93 13.90 36.66
CA HIS A 947 6.75 15.12 36.74
C HIS A 947 6.17 16.03 37.81
N ARG A 948 6.92 16.20 38.90
CA ARG A 948 6.65 17.19 39.95
C ARG A 948 7.23 18.53 39.49
N GLN A 949 6.41 19.57 39.41
CA GLN A 949 6.84 20.89 38.90
C GLN A 949 6.37 21.98 39.87
N LYS A 950 7.32 22.54 40.62
CA LYS A 950 7.05 23.58 41.63
C LYS A 950 6.00 22.96 42.55
N ASP A 951 4.71 23.30 42.44
CA ASP A 951 3.68 22.82 43.39
C ASP A 951 2.56 22.02 42.69
N THR A 952 2.77 21.54 41.46
CA THR A 952 1.83 20.57 40.78
C THR A 952 2.54 19.24 40.53
N LEU A 953 1.80 18.14 40.62
CA LEU A 953 2.23 16.80 40.18
C LEU A 953 1.47 16.40 38.91
N ILE A 954 2.16 16.28 37.78
CA ILE A 954 1.56 15.86 36.49
C ILE A 954 1.79 14.36 36.34
N VAL A 955 0.72 13.57 36.20
CA VAL A 955 0.77 12.10 36.02
C VAL A 955 0.19 11.81 34.65
N SER A 956 0.88 11.06 33.77
CA SER A 956 0.23 10.50 32.55
C SER A 956 0.13 8.97 32.66
N ALA A 957 -0.84 8.33 32.00
CA ALA A 957 -1.05 6.87 32.01
C ALA A 957 -1.69 6.39 30.71
N VAL A 958 -1.44 5.15 30.36
CA VAL A 958 -1.95 4.50 29.12
C VAL A 958 -1.74 3.00 29.24
N THR A 959 -2.38 2.22 28.38
CA THR A 959 -1.86 0.89 28.04
C THR A 959 -1.56 0.91 26.56
N PRO A 960 -0.32 0.63 26.12
CA PRO A 960 -0.08 0.57 24.68
C PRO A 960 -0.90 -0.57 24.07
N ASP A 961 -1.45 -1.44 24.95
CA ASP A 961 -2.43 -2.46 24.53
C ASP A 961 -3.62 -1.76 23.86
N LEU A 962 -3.82 -2.05 22.58
CA LEU A 962 -4.91 -1.43 21.76
C LEU A 962 -6.26 -2.05 22.12
N ASN A 963 -6.26 -3.29 22.63
CA ASN A 963 -7.43 -3.96 23.25
C ASN A 963 -8.46 -4.23 22.14
N MET A 964 -8.05 -4.98 21.13
CA MET A 964 -8.80 -5.29 19.90
C MET A 964 -8.22 -6.59 19.32
N THR A 965 -8.72 -7.04 18.18
CA THR A 965 -8.14 -8.17 17.39
C THR A 965 -8.13 -7.75 15.92
N ARG A 966 -7.77 -8.64 15.00
CA ARG A 966 -7.75 -8.37 13.54
C ARG A 966 -9.20 -8.11 13.06
N GLN A 967 -10.23 -8.62 13.76
CA GLN A 967 -11.67 -8.47 13.42
C GLN A 967 -12.41 -7.52 14.39
N LYS A 968 -12.24 -7.62 15.71
CA LYS A 968 -13.00 -6.82 16.73
C LYS A 968 -12.46 -5.40 16.77
N ALA A 969 -13.28 -4.41 17.13
CA ALA A 969 -12.92 -2.97 17.21
C ALA A 969 -12.44 -2.69 18.62
N ALA A 970 -11.45 -1.81 18.77
CA ALA A 970 -10.79 -1.47 20.06
C ALA A 970 -11.84 -0.87 21.01
N THR A 971 -11.76 -1.18 22.30
CA THR A 971 -12.59 -0.57 23.36
C THR A 971 -11.66 -0.06 24.45
N PRO A 972 -12.10 0.93 25.25
CA PRO A 972 -11.21 1.70 26.09
C PRO A 972 -10.99 0.90 27.36
N VAL A 973 -9.73 0.65 27.68
CA VAL A 973 -9.33 -0.01 28.95
C VAL A 973 -9.29 1.03 30.05
N THR A 974 -9.87 0.70 31.20
CA THR A 974 -9.99 1.53 32.42
C THR A 974 -8.84 1.10 33.36
N ILE A 975 -7.97 2.04 33.71
CA ILE A 975 -6.70 1.81 34.47
C ILE A 975 -6.80 2.56 35.80
N ASN A 976 -6.88 1.87 36.93
CA ASN A 976 -6.80 2.52 38.25
C ASN A 976 -5.35 2.73 38.62
N VAL A 977 -4.91 3.97 38.76
CA VAL A 977 -3.60 4.30 39.37
C VAL A 977 -3.87 4.90 40.74
N THR A 978 -3.57 4.19 41.81
CA THR A 978 -3.52 4.85 43.14
C THR A 978 -2.24 5.66 43.23
N ILE A 979 -2.28 6.82 43.88
CA ILE A 979 -1.04 7.62 44.09
C ILE A 979 -0.97 7.95 45.60
N ASN A 980 0.24 8.27 46.07
CA ASN A 980 0.49 8.44 47.52
C ASN A 980 0.01 9.84 47.91
N GLY A 981 -0.75 9.94 49.00
CA GLY A 981 -1.15 11.22 49.61
C GLY A 981 -2.38 11.80 48.92
N LYS A 982 -2.75 13.02 49.32
CA LYS A 982 -4.05 13.66 48.98
C LYS A 982 -3.78 14.75 47.94
N TRP A 983 -4.60 14.77 46.90
CA TRP A 983 -4.46 15.63 45.68
C TRP A 983 -5.86 16.12 45.22
N GLN A 984 -5.91 17.19 44.42
CA GLN A 984 -7.11 17.65 43.65
C GLN A 984 -6.57 18.10 42.29
N SER A 985 -7.40 18.58 41.36
CA SER A 985 -6.93 19.35 40.16
C SER A 985 -7.76 20.63 39.99
N SER A 990 -9.08 18.15 31.06
CA SER A 990 -8.64 16.74 31.33
C SER A 990 -9.81 15.82 31.76
N GLU A 991 -9.90 14.65 31.11
CA GLU A 991 -10.99 13.64 31.23
C GLU A 991 -10.64 12.52 32.22
N VAL A 992 -9.50 12.62 32.92
CA VAL A 992 -9.04 11.73 34.01
C VAL A 992 -9.86 12.03 35.28
N LYS A 993 -10.39 11.00 35.95
CA LYS A 993 -11.19 11.16 37.19
C LYS A 993 -10.29 10.94 38.41
N TYR A 994 -10.51 11.68 39.51
CA TYR A 994 -9.74 11.49 40.77
C TYR A 994 -10.71 11.42 41.96
N GLN A 995 -10.54 10.41 42.81
CA GLN A 995 -11.25 10.28 44.11
C GLN A 995 -10.18 10.10 45.19
N VAL A 996 -10.21 10.94 46.22
CA VAL A 996 -9.47 10.74 47.49
C VAL A 996 -10.14 9.58 48.24
N SER A 997 -9.39 8.50 48.52
CA SER A 997 -9.83 7.35 49.37
C SER A 997 -8.72 7.06 50.39
N GLY A 998 -9.07 7.02 51.70
CA GLY A 998 -8.14 7.16 52.83
C GLY A 998 -7.14 8.29 52.61
N ASP A 999 -5.88 8.06 52.99
CA ASP A 999 -4.77 9.05 52.92
C ASP A 999 -4.11 9.07 51.54
N ASN A 1000 -4.72 8.44 50.53
CA ASN A 1000 -4.25 8.37 49.12
C ASN A 1000 -5.31 8.89 48.14
N THR A 1001 -5.07 8.68 46.84
CA THR A 1001 -5.87 9.24 45.72
C THR A 1001 -5.94 8.21 44.56
N GLU A 1002 -7.16 7.78 44.16
CA GLU A 1002 -7.40 6.83 43.03
C GLU A 1002 -7.61 7.65 41.77
N LEU A 1003 -6.80 7.43 40.74
CA LEU A 1003 -6.96 8.08 39.42
C LEU A 1003 -7.60 7.05 38.49
N THR A 1004 -8.54 7.46 37.65
CA THR A 1004 -9.21 6.55 36.68
C THR A 1004 -8.86 7.08 35.30
N PHE A 1005 -7.82 6.54 34.69
CA PHE A 1005 -7.36 6.87 33.32
C PHE A 1005 -8.19 6.01 32.38
N THR A 1006 -8.65 6.61 31.28
CA THR A 1006 -9.36 5.80 30.27
C THR A 1006 -8.42 5.68 29.06
N SER A 1007 -7.94 4.48 28.80
CA SER A 1007 -6.98 4.28 27.70
C SER A 1007 -7.70 3.81 26.45
N TYR A 1008 -7.76 4.66 25.43
CA TYR A 1008 -8.39 4.27 24.14
C TYR A 1008 -7.32 4.35 23.05
N PHE A 1009 -7.24 3.28 22.27
CA PHE A 1009 -6.28 3.04 21.17
C PHE A 1009 -4.89 3.56 21.58
N GLY A 1010 -4.48 3.19 22.79
CA GLY A 1010 -3.22 3.57 23.46
C GLY A 1010 -2.92 5.04 23.35
N ILE A 1011 -3.92 5.90 23.49
CA ILE A 1011 -3.73 7.38 23.53
C ILE A 1011 -3.54 7.77 25.01
N PRO A 1012 -2.33 8.16 25.41
CA PRO A 1012 -2.08 8.61 26.78
C PRO A 1012 -3.04 9.73 27.20
N GLN A 1013 -3.41 9.78 28.49
CA GLN A 1013 -4.13 10.89 29.15
C GLN A 1013 -3.28 11.40 30.31
N GLU A 1014 -3.43 12.64 30.75
CA GLU A 1014 -2.73 13.09 31.98
C GLU A 1014 -3.58 14.08 32.74
N ILE A 1015 -3.05 14.58 33.85
CA ILE A 1015 -3.80 15.40 34.85
C ILE A 1015 -2.76 16.10 35.72
N LYS A 1016 -2.83 17.42 35.79
CA LYS A 1016 -2.07 18.23 36.78
C LYS A 1016 -2.88 18.19 38.06
N LEU A 1017 -2.26 17.70 39.11
CA LEU A 1017 -2.85 17.65 40.46
C LEU A 1017 -2.12 18.69 41.27
N SER A 1018 -2.74 19.24 42.28
CA SER A 1018 -2.03 20.04 43.31
C SER A 1018 -2.38 19.43 44.65
N PRO A 1019 -1.55 19.64 45.68
CA PRO A 1019 -1.61 18.78 46.86
C PRO A 1019 -2.69 19.31 47.81
N LEU A 1020 -3.48 18.43 48.42
CA LEU A 1020 -4.50 18.87 49.42
C LEU A 1020 -3.82 19.05 50.77
N PRO A 1021 -4.05 20.17 51.50
CA PRO A 1021 -3.47 20.32 52.84
C PRO A 1021 -4.00 19.16 53.69
C1 NGA B . -1.79 -10.58 1.00
C2 NGA B . -1.31 -9.92 -0.29
C3 NGA B . -1.39 -8.38 -0.39
C4 NGA B . -2.72 -7.86 0.24
C5 NGA B . -2.70 -8.30 1.74
C6 NGA B . -3.92 -7.86 2.59
C7 NGA B . 0.57 -11.10 -1.31
C8 NGA B . -0.33 -11.49 -2.49
N2 NGA B . 0.05 -10.41 -0.31
O1 NGA B . -2.63 -11.67 0.54
O3 NGA B . -1.11 -7.88 -1.75
O4 NGA B . -3.89 -8.26 -0.51
O5 NGA B . -2.44 -9.71 1.96
O6 NGA B . -3.54 -7.86 4.01
O7 NGA B . 1.77 -11.33 -1.22
C1 GCD B . 0.18 -7.16 -1.84
C2 GCD B . 0.90 -7.25 -3.22
C3 GCD B . 0.20 -6.51 -4.33
C4 GCD B . -0.61 -5.36 -3.76
C5 GCD B . -0.72 -5.05 -2.43
C6 GCD B . -1.65 -3.95 -2.05
O2 GCD B . 2.19 -6.66 -3.23
O3 GCD B . -0.69 -7.44 -4.93
O5 GCD B . 0.04 -5.82 -1.45
O6A GCD B . -1.80 -3.48 -0.90
O6B GCD B . -2.34 -3.46 -2.93
C1 NGA C . 2.44 1.58 -3.48
C2 NGA C . 3.68 0.81 -3.07
C3 NGA C . 4.81 1.51 -3.89
C4 NGA C . 4.59 1.27 -5.40
C5 NGA C . 3.16 1.81 -5.73
C6 NGA C . 2.77 1.72 -7.24
C7 NGA C . 4.44 -0.34 -1.02
C8 NGA C . 4.49 -0.33 0.48
N2 NGA C . 3.83 0.70 -1.60
O1 NGA C . 1.38 1.36 -2.58
O3 NGA C . 6.13 1.14 -3.47
O4 NGA C . 4.80 -0.14 -5.73
O5 NGA C . 2.15 1.21 -4.84
O6 NGA C . 1.35 1.97 -7.51
O7 NGA C . 4.93 -1.28 -1.65
C1 GCD C . 6.73 2.26 -2.77
C2 GCD C . 7.97 1.79 -2.00
C3 GCD C . 8.94 1.28 -3.09
C4 GCD C . 9.12 2.25 -4.23
C5 GCD C . 8.21 3.16 -4.52
C6 GCD C . 8.46 4.02 -5.68
O2 GCD C . 8.50 2.81 -1.07
O3 GCD C . 8.45 0.15 -3.80
O5 GCD C . 7.02 3.32 -3.70
O6A GCD C . 9.46 4.78 -5.62
O6B GCD C . 7.68 3.94 -6.66
MG MG D . -6.26 -13.67 -37.89
#